data_7XVG
#
_entry.id   7XVG
#
_cell.length_a   1.00
_cell.length_b   1.00
_cell.length_c   1.00
_cell.angle_alpha   90.00
_cell.angle_beta   90.00
_cell.angle_gamma   90.00
#
_symmetry.space_group_name_H-M   'P 1'
#
loop_
_entity.id
_entity.type
_entity.pdbx_description
1 polymer Sr35
2 polymer AvrSr35
#
loop_
_entity_poly.entity_id
_entity_poly.type
_entity_poly.pdbx_seq_one_letter_code
_entity_poly.pdbx_strand_id
1 'polypeptide(L)'
;TENLYFQSNAMEIAMGAIGSLLPKLGELLIGEITLEKKVRKGIESLITELKLMQAVLSKVSKVPADQLDEGVKIWAGNVK
ELSYQMEDIVDAFMVRVGDGGESTNPKNRVKKILKKVKKLFKNGKDLHRISAALEEVVLQAKQLAELRQRYEQEMRDTSA
NTSVDPRMMALYTDVTELVGIEETRDKLINMLTEGDDWSKHPLKTISIVGFGGLGKTTLAKAAYDKIKVQFDCGAFVSVS
RNPEMKKVLKDILYGLDKVKYENIHNAARDEKYLIDDIIEFLNDKRYLIVIDDIWNEKAWELIKCAFSKKSPGSRLITTT
RNVSVSEACCSSEDDIYRMEPLSNDVSRTLFCKRIFSQEEGCPQELLKVSEEILKKCGGVPLAIITIASLLANKGHIKAK
DEWYALLSSIGHGLTKNRSLEQMKKILLFSYYDLPSYLKPCLLYLSIFPEDREIRRARLIWRWISEGFVYSEKQDISLYE
LGDSYFNELVNRSMIQPIGIDDEGKVKACRVHDMVLDLICSLSSEENFVTILDDPRRKMPNSESKVRRLSIQNSKIDVDT
TRMEHMRSVTVFSDNVVGKVLDISRFKVLRVLDLEGCHVSDVGYVGNLLHLRYLGLKGTHVKDLPMEIGKLQFLLTLDLR
GTKIEVLPWSVVQLRRLMCLYVDYGMKLPSGIGNLTFLEVLDDLGLSDVDLDFVKELGRLTKLRVLRLDFHGFDQSMGKA
LEESISNMYKLDSLDVFVNRGLINCLSEHWVPPPRLCRLAFPSKRSWFKTLPSWINPSSLPLLSYLDITLFEVRSEDIQL
LGTLPALVYLEIWNYSVFEEAHEVEAPVLSSGAALFPCATECRFIGIGAVPSMFPQGAAPRLKRLWFTFPAKWISSENIG
LGMRHLPSLQRVVVDVISEGASREEADEAEAALRAAAEDHPNRPILDIW
;
A
2 'polypeptide(L)'
;HHHHHHSSGVDLGTENLYFQSNANSKDIREYLASTFPFEQQSTILDSVKSIAKVQIDDRKAFDLQLKFRQENLAELKDQI
ILSLGANNGNQNWQKLLDYTNKLDELSNTKISPEEFIEEIQKVLYKVKLESTSTSKLYSQFNLSIQDFALQIIHSKYKSN
QISQNDLLKLITEDEMLKILAKTKVLTYKMKYFDSASKMGINKYISTEMMDLDWQFSHYKTFNDALKKNKASDSSYLGWL
THGYSIKYGLSPNNERSMFFQDGRKYAELYAFSKSPHRKIIPGEHLKDLLAKINKSKGIFLDQNALLDKRIYAFHELNTL
ETHFPGITSSFTDDLKSNYRKKMESVSLTCQVLQEIGNIHRFIESKVPYHSSTEYGLFSIPKIFSIPIDYKHGEKENLVS
YVDFLYSTAHERILQDNSINQLCLDPLQESLNRIKSNIPVF
;
B
#
# COMPACT_ATOMS: atom_id res chain seq x y z
N TYR A 444 12.80 19.92 28.44
CA TYR A 444 11.44 19.40 28.35
C TYR A 444 11.46 17.93 27.96
N LEU A 445 12.55 17.51 27.34
CA LEU A 445 12.64 16.15 26.80
C LEU A 445 12.74 15.08 27.87
N SER A 446 12.91 15.45 29.15
CA SER A 446 12.94 14.47 30.21
C SER A 446 11.67 13.63 30.26
N ILE A 447 10.55 14.16 29.76
CA ILE A 447 9.32 13.40 29.71
C ILE A 447 9.49 12.17 28.83
N PHE A 448 10.33 12.25 27.80
CA PHE A 448 10.54 11.13 26.90
C PHE A 448 11.42 10.07 27.55
N PRO A 449 11.23 8.80 27.18
CA PRO A 449 11.96 7.71 27.85
C PRO A 449 13.45 7.69 27.53
N GLU A 450 14.15 6.66 28.02
CA GLU A 450 15.61 6.64 27.95
C GLU A 450 16.09 6.33 26.55
N ASP A 451 15.74 5.17 26.00
CA ASP A 451 16.32 4.66 24.77
C ASP A 451 15.24 4.40 23.72
N ARG A 452 14.88 5.44 22.97
CA ARG A 452 14.02 5.34 21.81
C ARG A 452 14.09 6.63 21.02
N GLU A 453 13.81 6.54 19.73
CA GLU A 453 13.86 7.71 18.86
C GLU A 453 12.81 8.73 19.26
N ILE A 454 13.09 10.01 18.97
CA ILE A 454 12.19 11.11 19.24
C ILE A 454 11.98 11.89 17.95
N ARG A 455 10.72 12.07 17.56
CA ARG A 455 10.39 12.83 16.37
C ARG A 455 10.39 14.31 16.67
N ARG A 456 10.92 15.11 15.74
CA ARG A 456 11.02 16.54 15.99
C ARG A 456 9.69 17.25 15.83
N ALA A 457 8.79 16.71 14.99
CA ALA A 457 7.49 17.35 14.80
C ALA A 457 6.71 17.40 16.10
N ARG A 458 6.72 16.30 16.86
CA ARG A 458 6.03 16.29 18.15
C ARG A 458 6.62 17.31 19.10
N LEU A 459 7.95 17.42 19.14
CA LEU A 459 8.58 18.41 20.02
C LEU A 459 8.16 19.82 19.65
N ILE A 460 8.21 20.14 18.35
CA ILE A 460 7.84 21.49 17.91
C ILE A 460 6.38 21.78 18.25
N TRP A 461 5.49 20.84 17.98
CA TRP A 461 4.08 21.08 18.26
C TRP A 461 3.78 21.20 19.74
N ARG A 462 4.40 20.37 20.57
CA ARG A 462 4.11 20.41 21.99
C ARG A 462 4.70 21.65 22.65
N TRP A 463 5.87 22.12 22.19
CA TRP A 463 6.39 23.38 22.70
C TRP A 463 5.42 24.53 22.42
N ILE A 464 4.85 24.57 21.22
CA ILE A 464 3.86 25.58 20.90
C ILE A 464 2.62 25.41 21.78
N SER A 465 2.17 24.17 21.96
CA SER A 465 0.93 23.93 22.69
C SER A 465 1.02 24.36 24.14
N GLU A 466 2.15 24.07 24.79
CA GLU A 466 2.27 24.37 26.22
C GLU A 466 2.79 25.77 26.48
N GLY A 467 3.46 26.40 25.51
CA GLY A 467 3.69 27.83 25.63
C GLY A 467 5.12 28.35 25.67
N PHE A 468 6.08 27.64 25.08
CA PHE A 468 7.41 28.20 24.91
C PHE A 468 7.54 29.04 23.63
N VAL A 469 6.48 29.11 22.83
CA VAL A 469 6.49 29.78 21.54
C VAL A 469 5.49 30.93 21.60
N TYR A 470 5.99 32.15 21.58
CA TYR A 470 5.15 33.36 21.56
C TYR A 470 5.83 34.38 20.66
N SER A 471 5.13 34.80 19.61
CA SER A 471 5.65 35.75 18.63
C SER A 471 4.84 37.04 18.71
N GLU A 472 5.50 38.14 19.04
CA GLU A 472 4.86 39.44 19.11
C GLU A 472 4.98 40.23 17.81
N LYS A 473 5.73 39.73 16.83
CA LYS A 473 5.95 40.48 15.61
C LYS A 473 4.70 40.54 14.75
N GLN A 474 3.89 39.49 14.79
CA GLN A 474 2.71 39.32 13.92
C GLN A 474 3.08 39.34 12.44
N ASP A 475 4.37 39.13 12.13
CA ASP A 475 4.83 38.96 10.76
C ASP A 475 5.24 37.53 10.48
N ILE A 476 5.20 36.66 11.49
CA ILE A 476 5.55 35.26 11.35
C ILE A 476 4.50 34.44 12.08
N SER A 477 4.41 33.16 11.72
CA SER A 477 3.32 32.31 12.18
C SER A 477 3.73 31.33 13.26
N LEU A 478 4.82 31.62 13.97
CA LEU A 478 5.24 30.93 15.21
C LEU A 478 5.47 29.44 15.02
N TYR A 479 5.36 28.96 13.78
CA TYR A 479 5.76 27.60 13.42
C TYR A 479 7.14 27.59 12.79
N GLU A 480 7.41 28.56 11.92
CA GLU A 480 8.73 28.69 11.32
C GLU A 480 9.78 28.95 12.39
N LEU A 481 9.47 29.82 13.36
CA LEU A 481 10.45 30.08 14.41
C LEU A 481 10.64 28.87 15.31
N GLY A 482 9.60 28.06 15.51
CA GLY A 482 9.77 26.83 16.28
C GLY A 482 10.69 25.85 15.58
N ASP A 483 10.48 25.67 14.27
CA ASP A 483 11.38 24.80 13.52
C ASP A 483 12.80 25.35 13.55
N SER A 484 12.96 26.67 13.42
CA SER A 484 14.29 27.27 13.50
C SER A 484 14.92 27.04 14.86
N TYR A 485 14.12 27.16 15.93
CA TYR A 485 14.61 26.90 17.28
C TYR A 485 15.15 25.49 17.39
N PHE A 486 14.39 24.52 16.90
CA PHE A 486 14.91 23.15 16.85
C PHE A 486 16.16 23.06 16.00
N ASN A 487 16.27 23.92 14.99
CA ASN A 487 17.45 23.89 14.12
C ASN A 487 18.71 24.32 14.86
N GLU A 488 18.64 25.38 15.67
CA GLU A 488 19.87 25.67 16.43
C GLU A 488 20.04 24.67 17.57
N LEU A 489 18.96 24.09 18.07
CA LEU A 489 19.09 23.08 19.11
C LEU A 489 19.89 21.89 18.61
N VAL A 490 19.62 21.44 17.38
CA VAL A 490 20.41 20.37 16.79
C VAL A 490 21.76 20.90 16.34
N ASN A 491 21.85 22.20 16.04
CA ASN A 491 23.12 22.79 15.60
C ASN A 491 24.13 22.79 16.74
N ARG A 492 23.69 23.07 17.96
CA ARG A 492 24.58 23.18 19.11
C ARG A 492 25.19 21.85 19.53
N SER A 493 24.98 20.78 18.76
CA SER A 493 25.53 19.46 19.04
C SER A 493 24.99 18.87 20.34
N MET A 494 23.89 19.41 20.85
CA MET A 494 23.21 18.78 21.97
C MET A 494 22.42 17.55 21.54
N ILE A 495 21.89 17.57 20.31
CA ILE A 495 21.10 16.47 19.77
C ILE A 495 21.64 16.18 18.37
N GLN A 496 21.58 14.91 17.97
CA GLN A 496 22.06 14.54 16.65
C GLN A 496 20.90 14.16 15.73
N PRO A 497 21.01 14.46 14.44
CA PRO A 497 19.92 14.16 13.50
C PRO A 497 19.89 12.69 13.10
N ILE A 498 18.69 12.22 12.79
CA ILE A 498 18.48 10.87 12.24
C ILE A 498 17.42 10.96 11.15
N GLY A 499 17.81 10.66 9.91
CA GLY A 499 16.85 10.53 8.83
C GLY A 499 16.33 11.86 8.32
N ILE A 500 15.48 11.76 7.29
CA ILE A 500 14.84 12.92 6.67
C ILE A 500 13.37 12.60 6.47
N ASP A 501 12.49 13.44 7.01
CA ASP A 501 11.06 13.19 6.95
C ASP A 501 10.50 13.63 5.60
N ASP A 502 9.17 13.68 5.50
CA ASP A 502 8.49 14.16 4.30
C ASP A 502 8.28 15.66 4.29
N GLU A 503 9.06 16.40 5.08
CA GLU A 503 9.00 17.86 5.10
C GLU A 503 10.32 18.48 4.70
N GLY A 504 11.20 17.71 4.05
CA GLY A 504 12.52 18.21 3.70
C GLY A 504 13.37 18.57 4.89
N LYS A 505 13.16 17.90 6.02
CA LYS A 505 13.89 18.19 7.23
C LYS A 505 14.19 16.87 7.94
N VAL A 506 14.86 16.96 9.09
CA VAL A 506 15.25 15.76 9.81
C VAL A 506 14.01 15.01 10.28
N LYS A 507 14.03 13.69 10.08
CA LYS A 507 12.88 12.87 10.42
C LYS A 507 12.68 12.79 11.93
N ALA A 508 13.74 12.48 12.66
CA ALA A 508 13.64 12.29 14.10
C ALA A 508 15.03 12.53 14.71
N CYS A 509 15.10 12.44 16.03
CA CYS A 509 16.33 12.72 16.74
C CYS A 509 16.38 11.87 18.01
N ARG A 510 17.57 11.84 18.62
CA ARG A 510 17.80 11.10 19.84
C ARG A 510 18.77 11.87 20.73
N VAL A 511 18.39 12.08 21.98
CA VAL A 511 19.25 12.79 22.92
C VAL A 511 20.37 11.88 23.37
N HIS A 512 21.55 12.45 23.60
CA HIS A 512 22.69 11.68 24.05
C HIS A 512 22.45 11.16 25.47
N ASP A 513 22.95 9.96 25.74
CA ASP A 513 22.68 9.31 27.02
C ASP A 513 23.22 10.11 28.20
N MET A 514 24.43 10.66 28.06
CA MET A 514 25.01 11.45 29.13
C MET A 514 24.30 12.78 29.31
N VAL A 515 23.39 13.15 28.40
CA VAL A 515 22.62 14.36 28.55
C VAL A 515 21.27 14.10 29.21
N LEU A 516 20.75 12.87 29.13
CA LEU A 516 19.48 12.56 29.77
C LEU A 516 19.55 12.73 31.28
N ASP A 517 20.54 12.10 31.92
CA ASP A 517 20.70 12.26 33.35
C ASP A 517 21.06 13.69 33.72
N LEU A 518 21.75 14.40 32.82
CA LEU A 518 22.07 15.79 33.06
C LEU A 518 20.79 16.64 33.17
N ILE A 519 19.91 16.52 32.16
CA ILE A 519 18.68 17.31 32.18
C ILE A 519 17.78 16.86 33.32
N CYS A 520 17.80 15.57 33.66
CA CYS A 520 17.05 15.10 34.81
C CYS A 520 17.54 15.78 36.09
N SER A 521 18.86 15.79 36.31
CA SER A 521 19.40 16.44 37.50
C SER A 521 19.09 17.93 37.51
N LEU A 522 19.11 18.59 36.36
CA LEU A 522 18.82 20.02 36.32
C LEU A 522 17.36 20.32 36.64
N SER A 523 16.43 19.61 36.01
CA SER A 523 15.02 20.02 36.10
C SER A 523 14.10 18.83 36.31
N SER A 524 14.42 17.95 37.27
CA SER A 524 13.50 16.90 37.66
C SER A 524 12.90 17.12 39.03
N GLU A 525 13.71 17.48 40.02
CA GLU A 525 13.18 17.70 41.37
C GLU A 525 12.23 18.89 41.42
N GLU A 526 12.48 19.91 40.61
CA GLU A 526 11.56 21.03 40.53
C GLU A 526 10.30 20.63 39.78
N ASN A 527 9.26 21.45 39.93
CA ASN A 527 7.99 21.17 39.28
C ASN A 527 8.15 21.18 37.76
N PHE A 528 7.53 20.19 37.11
CA PHE A 528 7.58 20.08 35.67
C PHE A 528 6.22 19.65 35.11
N VAL A 569 -0.01 15.10 30.77
CA VAL A 569 0.27 13.71 31.08
C VAL A 569 0.32 12.91 29.78
N THR A 570 1.18 11.88 29.74
CA THR A 570 1.34 11.07 28.55
C THR A 570 1.63 9.63 28.95
N VAL A 571 1.37 8.72 28.02
CA VAL A 571 1.61 7.29 28.22
C VAL A 571 2.65 6.84 27.21
N PHE A 572 3.73 6.26 27.70
CA PHE A 572 4.85 5.82 26.86
C PHE A 572 4.89 4.30 26.85
N SER A 573 4.15 3.71 25.92
CA SER A 573 4.18 2.27 25.68
C SER A 573 3.89 1.48 26.96
N ASP A 574 2.90 1.93 27.72
CA ASP A 574 2.52 1.30 28.97
C ASP A 574 1.04 0.96 28.94
N ASN A 575 0.71 -0.24 29.43
CA ASN A 575 -0.66 -0.72 29.47
C ASN A 575 -1.38 -0.39 30.77
N VAL A 576 -0.67 0.19 31.74
CA VAL A 576 -1.28 0.51 33.03
C VAL A 576 -2.31 1.63 32.95
N VAL A 577 -2.32 2.37 31.84
CA VAL A 577 -3.24 3.50 31.71
C VAL A 577 -4.68 3.02 31.66
N GLY A 578 -5.59 3.80 32.26
CA GLY A 578 -7.00 3.50 32.23
C GLY A 578 -7.47 2.69 33.42
N LYS A 579 -6.98 1.46 33.55
CA LYS A 579 -7.42 0.57 34.62
C LYS A 579 -6.97 1.05 35.99
N VAL A 580 -5.93 1.89 36.06
CA VAL A 580 -5.39 2.38 37.32
C VAL A 580 -5.52 3.90 37.43
N LEU A 581 -5.04 4.62 36.42
CA LEU A 581 -5.04 6.08 36.44
C LEU A 581 -6.35 6.61 35.87
N ASP A 582 -6.85 7.68 36.48
CA ASP A 582 -8.06 8.36 36.03
C ASP A 582 -7.68 9.68 35.39
N ILE A 583 -8.10 9.88 34.15
CA ILE A 583 -7.72 11.07 33.39
C ILE A 583 -8.70 12.21 33.62
N SER A 584 -10.00 11.90 33.69
CA SER A 584 -11.00 12.94 33.89
C SER A 584 -10.87 13.61 35.25
N ARG A 585 -10.12 13.01 36.18
CA ARG A 585 -9.94 13.61 37.50
C ARG A 585 -9.19 14.94 37.42
N PHE A 586 -8.25 15.06 36.49
CA PHE A 586 -7.48 16.30 36.36
C PHE A 586 -8.39 17.42 35.89
N LYS A 587 -8.54 18.45 36.73
CA LYS A 587 -9.42 19.56 36.39
C LYS A 587 -8.86 20.37 35.22
N VAL A 588 -7.59 20.76 35.31
CA VAL A 588 -6.96 21.60 34.30
C VAL A 588 -5.65 20.95 33.88
N LEU A 589 -5.47 20.80 32.57
CA LEU A 589 -4.20 20.31 32.02
C LEU A 589 -4.05 20.87 30.62
N ARG A 590 -2.80 21.11 30.23
CA ARG A 590 -2.53 21.85 29.00
C ARG A 590 -2.50 20.94 27.78
N VAL A 591 -1.79 19.82 27.86
CA VAL A 591 -1.51 18.97 26.71
C VAL A 591 -1.92 17.54 27.01
N LEU A 592 -2.46 16.86 26.00
CA LEU A 592 -2.80 15.43 26.08
C LEU A 592 -2.16 14.72 24.91
N ASP A 593 -1.39 13.67 25.21
CA ASP A 593 -0.69 12.90 24.18
C ASP A 593 -0.63 11.45 24.65
N LEU A 594 -1.28 10.56 23.91
CA LEU A 594 -1.30 9.14 24.26
C LEU A 594 -1.13 8.27 23.03
N GLU A 595 -0.42 8.75 22.03
CA GLU A 595 -0.27 8.04 20.77
C GLU A 595 0.48 6.73 20.96
N GLY A 596 0.15 5.75 20.12
CA GLY A 596 0.81 4.47 20.13
C GLY A 596 0.26 3.45 21.12
N CYS A 597 -0.74 3.82 21.91
CA CYS A 597 -1.31 2.89 22.88
C CYS A 597 -2.36 2.02 22.18
N HIS A 598 -3.04 1.17 22.95
CA HIS A 598 -4.07 0.28 22.43
C HIS A 598 -5.35 0.41 23.25
N VAL A 599 -5.75 1.64 23.51
CA VAL A 599 -6.92 1.92 24.33
C VAL A 599 -7.82 2.90 23.60
N SER A 600 -9.14 2.65 23.63
CA SER A 600 -10.13 3.49 22.97
C SER A 600 -11.23 3.81 23.97
N ASP A 601 -11.04 4.88 24.74
CA ASP A 601 -12.06 5.30 25.70
C ASP A 601 -12.21 6.82 25.72
N VAL A 602 -12.02 7.47 24.59
CA VAL A 602 -12.06 8.94 24.52
C VAL A 602 -13.48 9.33 24.14
N GLY A 603 -14.24 9.77 25.13
CA GLY A 603 -15.56 10.34 24.92
C GLY A 603 -15.83 11.44 25.91
N TYR A 604 -14.79 11.83 26.66
CA TYR A 604 -14.91 12.73 27.80
C TYR A 604 -14.11 14.01 27.62
N VAL A 605 -13.82 14.41 26.38
CA VAL A 605 -13.03 15.60 26.14
C VAL A 605 -13.74 16.88 26.57
N GLY A 606 -15.04 16.81 26.85
CA GLY A 606 -15.76 17.99 27.30
C GLY A 606 -15.51 18.37 28.74
N ASN A 607 -14.80 17.53 29.50
CA ASN A 607 -14.50 17.86 30.89
C ASN A 607 -13.32 18.81 31.03
N LEU A 608 -12.51 18.97 29.99
CA LEU A 608 -11.38 19.87 30.00
C LEU A 608 -11.48 20.83 28.82
N LEU A 609 -11.20 22.11 29.09
CA LEU A 609 -11.27 23.16 28.07
C LEU A 609 -9.94 23.82 27.80
N HIS A 610 -9.05 23.88 28.80
CA HIS A 610 -7.74 24.47 28.64
C HIS A 610 -6.77 23.59 27.87
N LEU A 611 -7.25 22.47 27.34
CA LEU A 611 -6.39 21.56 26.60
C LEU A 611 -6.00 22.17 25.25
N ARG A 612 -4.75 21.95 24.85
CA ARG A 612 -4.25 22.44 23.57
C ARG A 612 -3.88 21.32 22.62
N TYR A 613 -3.06 20.37 23.04
CA TYR A 613 -2.60 19.28 22.20
C TYR A 613 -3.46 18.05 22.42
N LEU A 614 -3.87 17.41 21.33
CA LEU A 614 -4.68 16.19 21.39
C LEU A 614 -4.16 15.26 20.29
N GLY A 615 -3.30 14.32 20.68
CA GLY A 615 -2.69 13.39 19.75
C GLY A 615 -3.15 11.97 20.02
N LEU A 616 -3.50 11.26 18.94
CA LEU A 616 -4.02 9.91 19.05
C LEU A 616 -3.44 8.98 17.98
N LYS A 617 -2.20 9.22 17.57
CA LYS A 617 -1.58 8.44 16.52
C LYS A 617 -1.47 6.96 16.90
N GLY A 618 -2.18 6.10 16.18
CA GLY A 618 -2.11 4.67 16.41
C GLY A 618 -2.56 4.23 17.79
N THR A 619 -3.72 4.74 18.23
CA THR A 619 -4.27 4.39 19.53
C THR A 619 -5.46 3.45 19.43
N HIS A 620 -5.76 2.94 18.23
CA HIS A 620 -6.84 1.97 18.03
C HIS A 620 -8.18 2.53 18.51
N VAL A 621 -8.42 3.81 18.26
CA VAL A 621 -9.66 4.46 18.67
C VAL A 621 -10.67 4.33 17.54
N LYS A 622 -11.84 3.75 17.86
CA LYS A 622 -12.87 3.58 16.85
C LYS A 622 -13.58 4.88 16.51
N ASP A 623 -13.87 5.71 17.52
CA ASP A 623 -14.63 6.93 17.31
C ASP A 623 -14.25 7.95 18.36
N LEU A 624 -14.52 9.22 18.05
CA LEU A 624 -14.25 10.36 18.89
C LEU A 624 -15.55 11.05 19.28
N PRO A 625 -15.58 11.73 20.44
CA PRO A 625 -16.83 12.33 20.90
C PRO A 625 -17.33 13.42 19.98
N MET A 626 -18.65 13.57 19.93
CA MET A 626 -19.28 14.54 19.06
C MET A 626 -19.05 15.97 19.52
N GLU A 627 -18.79 16.18 20.81
CA GLU A 627 -18.67 17.53 21.37
C GLU A 627 -17.23 17.99 21.49
N ILE A 628 -16.38 17.61 20.54
CA ILE A 628 -15.00 18.09 20.54
C ILE A 628 -14.94 19.59 20.26
N GLY A 629 -15.95 20.13 19.59
CA GLY A 629 -15.96 21.54 19.24
C GLY A 629 -16.00 22.50 20.42
N LYS A 630 -16.29 21.99 21.62
CA LYS A 630 -16.29 22.84 22.80
C LYS A 630 -14.91 23.42 23.08
N LEU A 631 -13.85 22.72 22.69
CA LEU A 631 -12.49 23.17 22.96
C LEU A 631 -12.12 24.33 22.03
N GLN A 632 -12.45 25.56 22.44
CA GLN A 632 -12.11 26.71 21.63
C GLN A 632 -10.60 26.87 21.49
N PHE A 633 -9.87 26.64 22.58
CA PHE A 633 -8.42 26.63 22.54
C PHE A 633 -7.94 25.30 21.99
N LEU A 634 -7.41 25.30 20.77
CA LEU A 634 -6.90 24.09 20.16
C LEU A 634 -5.91 24.47 19.07
N LEU A 635 -4.86 23.68 18.94
CA LEU A 635 -3.87 23.89 17.88
C LEU A 635 -3.61 22.63 17.07
N THR A 636 -3.60 21.47 17.70
CA THR A 636 -3.23 20.22 17.06
C THR A 636 -4.40 19.24 17.09
N LEU A 637 -4.39 18.32 16.12
CA LEU A 637 -5.38 17.23 16.13
C LEU A 637 -4.76 16.08 15.33
N ASP A 638 -4.23 15.09 16.03
CA ASP A 638 -3.46 14.02 15.43
C ASP A 638 -4.28 12.74 15.39
N LEU A 639 -4.53 12.22 14.19
CA LEU A 639 -5.34 11.02 14.02
C LEU A 639 -4.75 10.04 13.02
N ARG A 640 -3.45 10.08 12.79
CA ARG A 640 -2.83 9.13 11.86
C ARG A 640 -2.89 7.72 12.43
N GLY A 641 -3.20 6.76 11.56
CA GLY A 641 -3.19 5.36 11.94
C GLY A 641 -4.24 4.96 12.97
N THR A 642 -5.47 5.45 12.82
CA THR A 642 -6.57 5.06 13.68
C THR A 642 -7.73 4.56 12.83
N LYS A 643 -8.70 3.93 13.49
CA LYS A 643 -9.81 3.28 12.80
C LYS A 643 -11.01 4.20 12.61
N ILE A 644 -10.90 5.48 12.97
CA ILE A 644 -11.99 6.42 12.73
C ILE A 644 -12.17 6.62 11.24
N GLU A 645 -13.41 6.51 10.76
CA GLU A 645 -13.71 6.52 9.34
C GLU A 645 -14.29 7.83 8.84
N VAL A 646 -14.76 8.70 9.72
CA VAL A 646 -15.30 10.00 9.32
C VAL A 646 -15.24 10.94 10.52
N LEU A 647 -14.76 12.15 10.28
CA LEU A 647 -14.68 13.14 11.34
C LEU A 647 -16.06 13.77 11.57
N PRO A 648 -16.37 14.14 12.81
CA PRO A 648 -17.63 14.82 13.08
C PRO A 648 -17.63 16.23 12.51
N TRP A 649 -18.83 16.73 12.22
CA TRP A 649 -18.95 18.08 11.69
C TRP A 649 -18.69 19.16 12.74
N SER A 650 -18.58 18.78 14.01
CA SER A 650 -18.38 19.76 15.09
C SER A 650 -16.89 20.06 15.31
N VAL A 651 -16.18 20.38 14.23
CA VAL A 651 -14.80 20.83 14.32
C VAL A 651 -14.66 22.11 13.49
N VAL A 652 -15.68 22.38 12.67
CA VAL A 652 -15.70 23.63 11.91
C VAL A 652 -15.78 24.82 12.86
N GLN A 653 -16.44 24.65 14.01
CA GLN A 653 -16.58 25.73 14.98
C GLN A 653 -15.27 26.09 15.65
N LEU A 654 -14.22 25.30 15.48
CA LEU A 654 -12.93 25.60 16.08
C LEU A 654 -12.38 26.93 15.58
N ARG A 655 -12.35 27.92 16.46
CA ARG A 655 -11.84 29.24 16.09
C ARG A 655 -10.34 29.22 15.84
N ARG A 656 -9.60 28.39 16.59
CA ARG A 656 -8.16 28.27 16.42
C ARG A 656 -7.82 26.82 16.15
N LEU A 657 -6.99 26.59 15.13
CA LEU A 657 -6.47 25.27 14.80
C LEU A 657 -5.33 25.44 13.81
N MET A 658 -4.26 24.66 14.01
CA MET A 658 -3.07 24.80 13.20
C MET A 658 -2.79 23.57 12.35
N CYS A 659 -2.67 22.39 12.96
CA CYS A 659 -2.33 21.17 12.23
C CYS A 659 -3.45 20.15 12.38
N LEU A 660 -3.78 19.51 11.26
CA LEU A 660 -4.87 18.51 11.24
C LEU A 660 -4.29 17.28 10.55
N TYR A 661 -3.63 16.42 11.34
CA TYR A 661 -2.97 15.23 10.83
C TYR A 661 -4.04 14.17 10.55
N VAL A 662 -4.56 14.20 9.33
CA VAL A 662 -5.65 13.33 8.92
C VAL A 662 -5.11 12.26 7.98
N ASP A 663 -5.54 11.02 8.19
CA ASP A 663 -5.26 9.97 7.23
C ASP A 663 -6.16 10.14 6.01
N TYR A 664 -5.64 9.74 4.84
CA TYR A 664 -6.37 10.00 3.61
C TYR A 664 -7.66 9.23 3.49
N GLY A 665 -7.77 8.08 4.19
CA GLY A 665 -8.94 7.25 4.03
C GLY A 665 -10.21 7.89 4.58
N MET A 666 -10.08 8.66 5.65
CA MET A 666 -11.23 9.22 6.33
C MET A 666 -11.55 10.63 5.84
N LYS A 667 -12.85 10.89 5.71
CA LYS A 667 -13.36 12.08 5.03
C LYS A 667 -13.49 13.25 5.99
N LEU A 668 -13.06 14.42 5.53
CA LEU A 668 -13.18 15.66 6.31
C LEU A 668 -14.62 16.19 6.28
N PRO A 669 -15.04 16.86 7.34
CA PRO A 669 -16.35 17.53 7.30
C PRO A 669 -16.32 18.74 6.38
N SER A 670 -17.48 19.09 5.84
CA SER A 670 -17.59 20.21 4.94
C SER A 670 -17.36 21.52 5.68
N GLY A 671 -17.38 22.63 4.94
CA GLY A 671 -17.13 23.93 5.53
C GLY A 671 -15.72 24.12 6.05
N ILE A 672 -14.71 23.56 5.37
CA ILE A 672 -13.34 23.66 5.82
C ILE A 672 -12.85 25.09 5.78
N GLY A 673 -13.45 25.94 4.95
CA GLY A 673 -12.98 27.31 4.79
C GLY A 673 -13.05 28.14 6.04
N ASN A 674 -13.87 27.75 7.01
CA ASN A 674 -13.96 28.48 8.27
C ASN A 674 -12.70 28.36 9.11
N LEU A 675 -11.79 27.45 8.76
CA LEU A 675 -10.56 27.24 9.51
C LEU A 675 -9.48 28.20 8.99
N THR A 676 -9.71 29.48 9.24
CA THR A 676 -8.85 30.52 8.66
C THR A 676 -7.42 30.43 9.16
N PHE A 677 -7.22 29.91 10.37
CA PHE A 677 -5.89 29.84 10.96
C PHE A 677 -5.18 28.52 10.73
N LEU A 678 -5.73 27.65 9.87
CA LEU A 678 -5.09 26.36 9.61
C LEU A 678 -3.69 26.57 9.07
N GLU A 679 -2.74 25.81 9.61
CA GLU A 679 -1.33 26.11 9.42
C GLU A 679 -0.59 25.05 8.60
N VAL A 680 -0.68 23.77 8.96
CA VAL A 680 -0.20 22.68 8.13
C VAL A 680 -1.30 21.64 8.00
N LEU A 681 -1.45 21.08 6.80
CA LEU A 681 -2.50 20.13 6.50
C LEU A 681 -1.89 18.95 5.77
N ASP A 682 -1.96 17.77 6.38
CA ASP A 682 -1.22 16.61 5.92
C ASP A 682 -2.15 15.51 5.44
N ASP A 683 -1.85 14.98 4.26
CA ASP A 683 -2.53 13.81 3.71
C ASP A 683 -4.05 13.99 3.69
N LEU A 684 -4.47 15.15 3.21
CA LEU A 684 -5.90 15.43 3.06
C LEU A 684 -6.49 14.50 2.01
N GLY A 685 -7.33 13.57 2.45
CA GLY A 685 -8.06 12.72 1.52
C GLY A 685 -8.98 13.56 0.67
N LEU A 686 -8.82 13.48 -0.65
CA LEU A 686 -9.54 14.38 -1.56
C LEU A 686 -10.02 13.56 -2.76
N SER A 687 -11.25 13.02 -2.66
CA SER A 687 -11.85 12.28 -3.75
C SER A 687 -13.36 12.21 -3.52
N ASP A 688 -14.11 12.21 -4.61
CA ASP A 688 -15.58 12.24 -4.58
C ASP A 688 -16.07 13.40 -3.71
N VAL A 689 -15.60 14.60 -4.05
CA VAL A 689 -15.87 15.80 -3.29
C VAL A 689 -16.40 16.87 -4.24
N ASP A 690 -17.43 17.58 -3.81
CA ASP A 690 -18.02 18.64 -4.62
C ASP A 690 -17.08 19.83 -4.74
N LEU A 691 -17.31 20.64 -5.77
CA LEU A 691 -16.38 21.69 -6.14
C LEU A 691 -16.27 22.77 -5.07
N ASP A 692 -17.38 23.12 -4.43
CA ASP A 692 -17.36 24.22 -3.48
C ASP A 692 -16.45 23.93 -2.29
N PHE A 693 -16.36 22.67 -1.87
CA PHE A 693 -15.43 22.32 -0.81
C PHE A 693 -14.00 22.62 -1.24
N VAL A 694 -13.68 22.32 -2.51
CA VAL A 694 -12.36 22.65 -3.05
C VAL A 694 -12.15 24.16 -3.05
N LYS A 695 -13.17 24.92 -3.45
CA LYS A 695 -13.04 26.37 -3.46
C LYS A 695 -12.81 26.93 -2.06
N GLU A 696 -13.40 26.31 -1.03
CA GLU A 696 -13.22 26.80 0.32
C GLU A 696 -11.78 26.74 0.80
N LEU A 697 -10.92 25.94 0.15
CA LEU A 697 -9.55 25.79 0.62
C LEU A 697 -8.78 27.10 0.54
N GLY A 698 -9.00 27.88 -0.52
CA GLY A 698 -8.19 29.06 -0.77
C GLY A 698 -8.37 30.17 0.24
N ARG A 699 -9.34 30.02 1.13
CA ARG A 699 -9.56 31.03 2.19
C ARG A 699 -8.52 30.80 3.30
N LEU A 700 -7.92 29.60 3.26
CA LEU A 700 -6.95 29.09 4.28
C LEU A 700 -5.56 29.62 3.97
N THR A 701 -5.39 30.93 4.06
CA THR A 701 -4.12 31.59 3.65
C THR A 701 -3.06 31.56 4.74
N LYS A 702 -2.67 30.39 5.20
CA LYS A 702 -1.57 30.34 6.17
C LYS A 702 -0.68 29.11 6.00
N LEU A 703 -0.79 28.39 4.89
CA LEU A 703 -0.12 27.10 4.77
C LEU A 703 1.38 27.26 4.57
N ARG A 704 2.12 26.25 4.99
CA ARG A 704 3.48 26.00 4.51
C ARG A 704 3.69 24.61 3.93
N VAL A 705 3.03 23.58 4.45
CA VAL A 705 3.07 22.26 3.83
C VAL A 705 1.63 21.84 3.56
N LEU A 706 1.42 21.15 2.43
CA LEU A 706 0.09 20.74 2.01
C LEU A 706 0.21 19.43 1.25
N ARG A 707 0.04 18.32 1.96
CA ARG A 707 0.13 16.99 1.36
C ARG A 707 -1.26 16.52 0.99
N LEU A 708 -1.44 16.11 -0.26
CA LEU A 708 -2.75 15.77 -0.79
C LEU A 708 -2.67 14.47 -1.58
N ASP A 709 -3.78 14.14 -2.24
CA ASP A 709 -3.85 13.05 -3.21
C ASP A 709 -5.21 13.15 -3.88
N PHE A 710 -5.40 12.37 -4.94
CA PHE A 710 -6.71 12.29 -5.56
C PHE A 710 -6.82 11.08 -6.47
N HIS A 711 -8.02 10.50 -6.48
CA HIS A 711 -8.32 9.33 -7.31
C HIS A 711 -9.66 9.42 -8.03
N GLY A 712 -10.51 10.40 -7.71
CA GLY A 712 -11.88 10.34 -8.19
C GLY A 712 -12.41 11.56 -8.92
N PHE A 713 -11.56 12.57 -9.14
CA PHE A 713 -11.97 13.73 -9.92
C PHE A 713 -10.95 14.06 -11.00
N ASP A 714 -10.53 13.04 -11.75
CA ASP A 714 -9.59 13.26 -12.85
C ASP A 714 -10.30 13.96 -14.00
N GLN A 715 -10.76 15.18 -13.77
CA GLN A 715 -11.46 15.97 -14.78
C GLN A 715 -11.20 17.44 -14.48
N SER A 716 -12.01 18.31 -15.08
CA SER A 716 -11.84 19.75 -14.93
C SER A 716 -12.18 20.25 -13.54
N MET A 717 -12.61 19.38 -12.61
CA MET A 717 -12.90 19.83 -11.26
C MET A 717 -11.62 20.33 -10.59
N GLY A 718 -10.51 19.64 -10.81
CA GLY A 718 -9.24 20.06 -10.24
C GLY A 718 -8.75 21.40 -10.74
N LYS A 719 -9.34 21.92 -11.82
CA LYS A 719 -9.01 23.27 -12.25
C LYS A 719 -9.36 24.30 -11.18
N ALA A 720 -10.36 24.00 -10.34
CA ALA A 720 -10.68 24.89 -9.24
C ALA A 720 -9.52 24.97 -8.25
N LEU A 721 -9.03 23.82 -7.77
CA LEU A 721 -7.90 23.85 -6.86
C LEU A 721 -6.65 24.36 -7.53
N GLU A 722 -6.59 24.28 -8.87
CA GLU A 722 -5.44 24.85 -9.59
C GLU A 722 -5.21 26.30 -9.20
N GLU A 723 -6.26 27.13 -9.26
CA GLU A 723 -6.10 28.51 -8.81
C GLU A 723 -6.33 28.67 -7.31
N SER A 724 -6.96 27.69 -6.65
CA SER A 724 -7.07 27.78 -5.20
C SER A 724 -5.70 27.75 -4.54
N ILE A 725 -4.79 26.91 -5.04
CA ILE A 725 -3.42 26.91 -4.55
C ILE A 725 -2.71 28.22 -4.85
N SER A 726 -3.17 28.97 -5.85
CA SER A 726 -2.49 30.20 -6.21
C SER A 726 -2.80 31.36 -5.25
N ASN A 727 -3.85 31.25 -4.45
CA ASN A 727 -4.23 32.38 -3.60
C ASN A 727 -3.27 32.55 -2.42
N MET A 728 -2.91 31.47 -1.74
CA MET A 728 -2.05 31.56 -0.57
C MET A 728 -0.58 31.64 -0.98
N TYR A 729 0.18 32.46 -0.26
CA TYR A 729 1.50 32.91 -0.69
C TYR A 729 2.62 32.46 0.25
N LYS A 730 2.39 31.44 1.07
CA LYS A 730 3.37 31.04 2.05
C LYS A 730 3.78 29.58 1.92
N LEU A 731 3.60 28.99 0.74
CA LEU A 731 4.00 27.59 0.55
C LEU A 731 5.49 27.41 0.79
N ASP A 732 5.83 26.29 1.42
CA ASP A 732 7.22 25.87 1.56
C ASP A 732 7.41 24.40 1.23
N SER A 733 6.33 23.66 1.00
CA SER A 733 6.40 22.28 0.56
C SER A 733 5.08 21.93 -0.10
N LEU A 734 5.11 20.91 -0.95
CA LEU A 734 3.92 20.50 -1.67
C LEU A 734 4.20 19.17 -2.34
N ASP A 735 3.21 18.30 -2.35
CA ASP A 735 3.31 17.04 -3.08
C ASP A 735 1.91 16.51 -3.35
N VAL A 736 1.73 15.86 -4.49
CA VAL A 736 0.43 15.44 -4.97
C VAL A 736 0.55 13.97 -5.39
N PHE A 737 0.14 13.07 -4.51
CA PHE A 737 0.14 11.65 -4.81
C PHE A 737 -1.00 11.34 -5.75
N VAL A 738 -0.72 10.58 -6.80
CA VAL A 738 -1.74 10.17 -7.77
C VAL A 738 -1.18 9.03 -8.59
N ASN A 739 -2.04 8.08 -8.92
CA ASN A 739 -1.62 6.80 -9.48
C ASN A 739 -2.07 6.64 -10.92
N ARG A 740 -1.18 6.10 -11.75
CA ARG A 740 -1.47 5.61 -13.10
C ARG A 740 -2.41 6.52 -13.87
N GLY A 741 -1.96 7.74 -14.10
CA GLY A 741 -2.73 8.66 -14.92
C GLY A 741 -2.02 9.96 -15.21
N LEU A 742 -2.36 10.60 -16.32
CA LEU A 742 -1.84 11.92 -16.60
C LEU A 742 -2.35 12.91 -15.56
N ILE A 743 -1.52 13.89 -15.23
CA ILE A 743 -1.84 14.81 -14.15
C ILE A 743 -2.74 15.92 -14.67
N ASN A 744 -4.05 15.72 -14.57
CA ASN A 744 -5.00 16.78 -14.91
C ASN A 744 -5.24 17.67 -13.70
N CYS A 745 -4.15 18.09 -13.06
CA CYS A 745 -4.20 18.89 -11.84
C CYS A 745 -3.49 20.22 -11.98
N LEU A 746 -2.27 20.22 -12.52
CA LEU A 746 -1.48 21.43 -12.67
C LEU A 746 -1.47 21.83 -14.15
N SER A 747 -1.78 23.10 -14.41
CA SER A 747 -1.95 23.59 -15.77
C SER A 747 -0.65 24.18 -16.32
N GLU A 748 -0.58 24.25 -17.64
CA GLU A 748 0.57 24.82 -18.32
C GLU A 748 0.63 26.34 -18.19
N HIS A 749 -0.48 26.99 -17.85
CA HIS A 749 -0.52 28.42 -17.59
C HIS A 749 -1.00 28.61 -16.15
N TRP A 750 -0.04 28.56 -15.22
CA TRP A 750 -0.35 28.71 -13.81
C TRP A 750 0.74 29.51 -13.15
N VAL A 751 0.38 30.31 -12.16
CA VAL A 751 1.32 31.05 -11.33
C VAL A 751 1.49 30.31 -10.01
N PRO A 752 2.69 29.81 -9.69
CA PRO A 752 2.91 29.17 -8.41
C PRO A 752 3.16 30.21 -7.32
N PRO A 753 3.12 29.81 -6.05
CA PRO A 753 3.55 30.71 -4.99
C PRO A 753 4.99 31.12 -5.19
N PRO A 754 5.35 32.37 -4.88
CA PRO A 754 6.73 32.82 -5.11
C PRO A 754 7.77 32.03 -4.35
N ARG A 755 7.39 31.39 -3.24
CA ARG A 755 8.31 30.56 -2.47
C ARG A 755 7.88 29.11 -2.58
N LEU A 756 8.81 28.25 -3.00
CA LEU A 756 8.59 26.82 -3.03
C LEU A 756 9.93 26.12 -2.87
N CYS A 757 9.96 25.06 -2.07
CA CYS A 757 11.19 24.32 -1.83
C CYS A 757 11.09 22.86 -2.25
N ARG A 758 10.03 22.16 -1.85
CA ARG A 758 9.99 20.71 -2.02
C ARG A 758 9.41 20.32 -3.38
N LEU A 759 8.14 20.64 -3.62
CA LEU A 759 7.45 20.31 -4.87
C LEU A 759 7.72 18.85 -5.27
N ALA A 760 7.26 17.94 -4.42
CA ALA A 760 7.49 16.52 -4.59
C ALA A 760 6.34 15.86 -5.35
N PHE A 761 6.61 14.65 -5.84
CA PHE A 761 5.61 13.85 -6.54
C PHE A 761 5.89 12.39 -6.24
N PRO A 762 5.51 11.91 -5.05
CA PRO A 762 6.00 10.61 -4.59
C PRO A 762 5.63 9.43 -5.49
N SER A 763 4.49 9.47 -6.15
CA SER A 763 4.06 8.32 -6.94
C SER A 763 4.81 8.27 -8.26
N LYS A 764 5.48 7.15 -8.50
CA LYS A 764 6.25 6.95 -9.72
C LYS A 764 5.44 6.36 -10.85
N ARG A 765 4.18 5.99 -10.61
CA ARG A 765 3.33 5.47 -11.67
C ARG A 765 2.63 6.55 -12.46
N SER A 766 2.62 7.79 -11.96
CA SER A 766 2.03 8.92 -12.67
C SER A 766 3.07 9.54 -13.60
N TRP A 767 2.67 10.57 -14.34
CA TRP A 767 3.62 11.27 -15.19
C TRP A 767 3.03 12.59 -15.64
N PHE A 768 3.90 13.56 -15.87
CA PHE A 768 3.56 14.77 -16.61
C PHE A 768 3.75 14.50 -18.09
N LYS A 769 2.94 15.17 -18.91
CA LYS A 769 3.05 14.99 -20.36
C LYS A 769 4.45 15.37 -20.83
N THR A 770 4.92 16.55 -20.43
CA THR A 770 6.29 16.97 -20.63
C THR A 770 6.74 17.69 -19.36
N LEU A 771 7.88 18.34 -19.42
CA LEU A 771 8.29 19.20 -18.33
C LEU A 771 7.32 20.38 -18.27
N PRO A 772 6.62 20.59 -17.16
CA PRO A 772 5.62 21.66 -17.11
C PRO A 772 6.24 23.03 -17.34
N SER A 773 5.51 23.88 -18.07
CA SER A 773 6.07 25.15 -18.51
C SER A 773 6.29 26.13 -17.38
N TRP A 774 5.66 25.94 -16.22
CA TRP A 774 5.82 26.88 -15.14
C TRP A 774 7.12 26.71 -14.37
N ILE A 775 7.91 25.67 -14.68
CA ILE A 775 9.23 25.51 -14.09
C ILE A 775 10.21 26.32 -14.94
N ASN A 776 10.50 27.53 -14.50
CA ASN A 776 11.37 28.45 -15.21
C ASN A 776 12.32 29.08 -14.21
N PRO A 777 13.47 29.58 -14.66
CA PRO A 777 14.34 30.35 -13.76
C PRO A 777 13.68 31.62 -13.24
N SER A 778 12.69 32.15 -13.94
CA SER A 778 12.01 33.37 -13.54
C SER A 778 11.29 33.20 -12.20
N SER A 779 10.30 32.31 -12.17
CA SER A 779 9.55 32.05 -10.95
C SER A 779 10.13 30.84 -10.22
N LEU A 780 9.61 30.59 -9.02
CA LEU A 780 10.03 29.49 -8.16
C LEU A 780 11.55 29.30 -8.12
N PRO A 781 12.33 30.37 -7.95
CA PRO A 781 13.79 30.25 -8.09
C PRO A 781 14.47 29.72 -6.83
N LEU A 782 13.69 29.13 -5.92
CA LEU A 782 14.24 28.67 -4.64
C LEU A 782 13.97 27.18 -4.39
N LEU A 783 13.85 26.37 -5.44
CA LEU A 783 13.68 24.95 -5.23
C LEU A 783 14.96 24.31 -4.70
N SER A 784 14.79 23.34 -3.81
CA SER A 784 15.91 22.52 -3.32
C SER A 784 15.57 21.04 -3.42
N TYR A 785 14.55 20.69 -4.20
CA TYR A 785 14.03 19.34 -4.29
C TYR A 785 13.10 19.28 -5.48
N LEU A 786 13.22 18.28 -6.35
CA LEU A 786 12.36 18.26 -7.52
C LEU A 786 11.48 17.03 -7.60
N ASP A 787 12.06 15.83 -7.56
CA ASP A 787 11.32 14.56 -7.53
C ASP A 787 10.14 14.55 -8.48
N ILE A 788 10.40 14.81 -9.75
CA ILE A 788 9.38 14.82 -10.79
C ILE A 788 9.56 13.59 -11.67
N THR A 789 8.48 12.84 -11.85
CA THR A 789 8.41 11.83 -12.89
C THR A 789 7.65 12.40 -14.07
N LEU A 790 8.12 12.11 -15.28
CA LEU A 790 7.48 12.64 -16.47
C LEU A 790 7.62 11.63 -17.61
N PHE A 791 6.71 11.73 -18.58
CA PHE A 791 6.57 10.69 -19.59
C PHE A 791 7.82 10.55 -20.43
N GLU A 792 8.47 11.65 -20.77
CA GLU A 792 9.68 11.61 -21.58
C GLU A 792 10.57 12.80 -21.22
N VAL A 793 11.87 12.54 -21.19
CA VAL A 793 12.87 13.56 -20.90
C VAL A 793 13.46 14.00 -22.24
N ARG A 794 13.13 15.22 -22.67
CA ARG A 794 13.68 15.75 -23.89
C ARG A 794 15.15 16.12 -23.71
N SER A 795 15.84 16.33 -24.83
CA SER A 795 17.24 16.70 -24.76
C SER A 795 17.43 18.05 -24.07
N GLU A 796 16.46 18.94 -24.18
CA GLU A 796 16.52 20.25 -23.56
C GLU A 796 15.91 20.28 -22.16
N ASP A 797 15.33 19.16 -21.70
CA ASP A 797 14.70 19.14 -20.38
C ASP A 797 15.75 19.33 -19.28
N ILE A 798 16.82 18.56 -19.32
CA ILE A 798 17.87 18.74 -18.32
C ILE A 798 18.56 20.08 -18.51
N GLN A 799 18.64 20.56 -19.75
CA GLN A 799 19.21 21.88 -20.00
C GLN A 799 18.41 22.96 -19.26
N LEU A 800 17.08 22.89 -19.35
CA LEU A 800 16.24 23.84 -18.63
C LEU A 800 16.35 23.64 -17.12
N LEU A 801 16.38 22.38 -16.67
CA LEU A 801 16.48 22.12 -15.24
C LEU A 801 17.79 22.64 -14.65
N GLY A 802 18.84 22.68 -15.45
CA GLY A 802 20.12 23.15 -14.95
C GLY A 802 20.19 24.64 -14.72
N THR A 803 19.20 25.40 -15.19
CA THR A 803 19.20 26.85 -15.05
C THR A 803 18.62 27.34 -13.72
N LEU A 804 18.09 26.43 -12.90
CA LEU A 804 17.54 26.85 -11.62
C LEU A 804 18.67 27.32 -10.69
N PRO A 805 18.41 28.35 -9.88
CA PRO A 805 19.51 28.88 -9.05
C PRO A 805 20.07 27.89 -8.03
N ALA A 806 19.23 27.34 -7.16
CA ALA A 806 19.75 26.45 -6.10
C ALA A 806 19.67 24.99 -6.51
N LEU A 807 18.45 24.47 -6.64
CA LEU A 807 18.19 23.07 -7.00
C LEU A 807 19.18 22.11 -6.31
N VAL A 808 19.09 22.10 -4.98
CA VAL A 808 20.05 21.33 -4.19
C VAL A 808 19.95 19.84 -4.49
N TYR A 809 18.74 19.31 -4.57
CA TYR A 809 18.49 17.91 -4.83
C TYR A 809 17.67 17.77 -6.10
N LEU A 810 18.01 16.78 -6.92
CA LEU A 810 17.30 16.55 -8.18
C LEU A 810 17.11 15.06 -8.38
N GLU A 811 15.84 14.64 -8.53
CA GLU A 811 15.50 13.26 -8.84
C GLU A 811 14.47 13.28 -9.95
N ILE A 812 14.90 12.96 -11.16
CA ILE A 812 14.02 12.96 -12.33
C ILE A 812 13.95 11.54 -12.87
N TRP A 813 12.75 11.02 -12.99
CA TRP A 813 12.52 9.68 -13.52
C TRP A 813 12.19 9.75 -15.00
N ASN A 814 12.09 8.58 -15.62
CA ASN A 814 11.78 8.46 -17.04
C ASN A 814 10.77 7.32 -17.20
N TYR A 815 9.49 7.68 -17.20
CA TYR A 815 8.44 6.67 -17.20
C TYR A 815 8.44 5.85 -18.49
N SER A 816 8.93 6.42 -19.59
CA SER A 816 8.89 5.72 -20.87
C SER A 816 9.76 4.48 -20.84
N VAL A 817 10.96 4.57 -20.27
CA VAL A 817 11.93 3.48 -20.35
C VAL A 817 11.44 2.26 -19.58
N PHE A 818 10.98 2.47 -18.34
CA PHE A 818 10.67 1.33 -17.48
C PHE A 818 9.35 0.68 -17.83
N GLU A 819 8.27 1.45 -17.95
CA GLU A 819 6.95 0.87 -18.17
C GLU A 819 6.65 0.62 -19.64
N GLU A 820 7.50 1.04 -20.55
CA GLU A 820 7.29 0.83 -21.97
C GLU A 820 8.62 0.46 -22.63
N ALA A 821 8.52 -0.29 -23.72
CA ALA A 821 9.72 -0.74 -24.44
C ALA A 821 10.22 0.39 -25.31
N HIS A 822 11.04 1.26 -24.71
CA HIS A 822 11.63 2.39 -25.43
C HIS A 822 13.12 2.43 -25.13
N GLU A 823 13.91 2.76 -26.14
CA GLU A 823 15.35 2.78 -25.98
C GLU A 823 15.78 3.89 -25.01
N VAL A 824 16.86 3.62 -24.29
CA VAL A 824 17.41 4.58 -23.33
C VAL A 824 18.23 5.60 -24.10
N GLU A 825 17.62 6.73 -24.43
CA GLU A 825 18.31 7.75 -25.22
C GLU A 825 19.29 8.54 -24.36
N ALA A 826 20.33 9.04 -25.01
CA ALA A 826 21.39 9.78 -24.32
C ALA A 826 21.14 11.28 -24.46
N PRO A 827 21.14 12.05 -23.37
CA PRO A 827 20.96 13.49 -23.49
C PRO A 827 22.24 14.17 -23.96
N VAL A 828 22.06 15.37 -24.50
CA VAL A 828 23.17 16.18 -25.02
C VAL A 828 23.00 17.58 -24.45
N LEU A 829 23.72 17.89 -23.38
CA LEU A 829 23.73 19.23 -22.81
C LEU A 829 24.96 19.95 -23.34
N SER A 830 24.75 21.02 -24.09
CA SER A 830 25.82 21.71 -24.80
C SER A 830 26.06 23.13 -24.27
N SER A 831 25.03 23.97 -24.28
CA SER A 831 25.21 25.38 -23.95
C SER A 831 25.44 25.57 -22.46
N GLY A 832 25.61 26.83 -22.06
CA GLY A 832 25.79 27.18 -20.67
C GLY A 832 27.22 27.03 -20.20
N ALA A 833 27.50 27.57 -19.03
CA ALA A 833 28.82 27.48 -18.44
C ALA A 833 28.82 26.86 -17.05
N ALA A 834 27.87 27.21 -16.20
CA ALA A 834 27.78 26.63 -14.86
C ALA A 834 26.82 25.44 -14.84
N LEU A 835 25.55 25.70 -15.16
CA LEU A 835 24.57 24.68 -15.51
C LEU A 835 24.13 23.81 -14.33
N PHE A 836 24.80 23.92 -13.19
CA PHE A 836 24.41 23.22 -11.97
C PHE A 836 25.11 23.88 -10.78
N PRO A 837 24.70 25.07 -10.37
CA PRO A 837 25.42 25.78 -9.30
C PRO A 837 25.60 24.96 -8.04
N CYS A 838 24.51 24.44 -7.48
CA CYS A 838 24.56 23.60 -6.27
C CYS A 838 23.63 22.40 -6.48
N ALA A 839 24.17 21.34 -7.07
CA ALA A 839 23.41 20.11 -7.31
C ALA A 839 24.22 18.93 -6.79
N THR A 840 24.08 18.63 -5.50
CA THR A 840 24.84 17.53 -4.91
C THR A 840 24.28 16.17 -5.33
N GLU A 841 22.96 16.03 -5.32
CA GLU A 841 22.30 14.77 -5.66
C GLU A 841 21.65 14.89 -7.03
N CYS A 842 21.93 13.93 -7.91
CA CYS A 842 21.29 13.87 -9.22
C CYS A 842 21.02 12.41 -9.54
N ARG A 843 19.74 12.08 -9.73
CA ARG A 843 19.31 10.70 -9.92
C ARG A 843 18.53 10.60 -11.22
N PHE A 844 19.24 10.42 -12.32
CA PHE A 844 18.61 10.27 -13.63
C PHE A 844 18.23 8.82 -13.81
N ILE A 845 17.16 8.40 -13.15
CA ILE A 845 16.72 7.02 -13.16
C ILE A 845 16.08 6.74 -14.52
N GLY A 846 16.69 5.84 -15.28
CA GLY A 846 16.19 5.47 -16.58
C GLY A 846 16.67 6.36 -17.72
N ILE A 847 17.40 7.41 -17.42
CA ILE A 847 17.93 8.33 -18.43
C ILE A 847 19.27 7.80 -18.90
N GLY A 848 19.55 7.94 -20.20
CA GLY A 848 20.82 7.51 -20.75
C GLY A 848 21.95 8.48 -20.47
N ALA A 849 21.88 9.19 -19.35
CA ALA A 849 22.90 10.16 -19.00
C ALA A 849 24.25 9.49 -18.89
N VAL A 850 25.29 10.20 -19.30
CA VAL A 850 26.66 9.66 -19.28
C VAL A 850 27.55 10.68 -18.57
N PRO A 851 28.54 10.25 -17.79
CA PRO A 851 29.43 11.22 -17.14
C PRO A 851 30.16 12.13 -18.11
N SER A 852 30.39 11.68 -19.34
CA SER A 852 31.05 12.55 -20.32
C SER A 852 30.08 13.58 -20.91
N MET A 853 28.78 13.39 -20.66
CA MET A 853 27.80 14.29 -21.26
C MET A 853 27.83 15.67 -20.61
N PHE A 854 28.32 15.75 -19.38
CA PHE A 854 28.56 17.05 -18.75
C PHE A 854 29.72 17.74 -19.45
N PRO A 855 29.53 18.92 -20.04
CA PRO A 855 30.67 19.62 -20.65
C PRO A 855 31.39 20.54 -19.69
N GLN A 856 32.71 20.35 -19.56
CA GLN A 856 33.58 21.23 -18.80
C GLN A 856 33.01 21.57 -17.42
N GLY A 857 32.89 20.57 -16.55
CA GLY A 857 32.43 20.80 -15.21
C GLY A 857 31.00 21.28 -15.10
N ALA A 858 30.05 20.67 -15.82
CA ALA A 858 28.67 21.12 -15.78
C ALA A 858 28.06 20.98 -14.39
N ALA A 859 28.61 20.11 -13.56
CA ALA A 859 28.13 19.90 -12.18
C ALA A 859 29.30 20.00 -11.23
N PRO A 860 29.60 21.19 -10.73
CA PRO A 860 30.81 21.39 -9.92
C PRO A 860 30.87 20.55 -8.65
N ARG A 861 29.75 20.15 -8.05
CA ARG A 861 29.86 19.40 -6.81
C ARG A 861 29.39 17.95 -6.94
N LEU A 862 28.10 17.76 -7.24
CA LEU A 862 27.52 16.46 -7.60
C LEU A 862 28.10 15.32 -6.75
N LYS A 863 27.79 15.33 -5.46
CA LYS A 863 28.29 14.28 -4.56
C LYS A 863 27.79 12.90 -4.98
N ARG A 864 26.61 12.81 -5.59
CA ARG A 864 26.04 11.54 -6.00
C ARG A 864 25.56 11.63 -7.44
N LEU A 865 25.48 10.47 -8.09
CA LEU A 865 24.95 10.40 -9.44
C LEU A 865 24.51 8.97 -9.73
N TRP A 866 23.30 8.82 -10.26
CA TRP A 866 22.82 7.53 -10.74
C TRP A 866 22.42 7.69 -12.20
N PHE A 867 22.68 6.64 -12.99
CA PHE A 867 22.30 6.66 -14.39
C PHE A 867 22.19 5.23 -14.89
N THR A 868 21.88 5.09 -16.18
CA THR A 868 21.78 3.80 -16.84
C THR A 868 22.76 3.77 -18.00
N PHE A 869 23.52 2.69 -18.11
CA PHE A 869 24.54 2.55 -19.15
C PHE A 869 24.36 1.24 -19.89
N PRO A 870 23.72 1.22 -21.05
CA PRO A 870 23.67 0.00 -21.85
C PRO A 870 25.07 -0.43 -22.27
N ALA A 871 25.27 -1.74 -22.32
CA ALA A 871 26.59 -2.29 -22.62
C ALA A 871 27.00 -2.07 -24.07
N LYS A 872 26.05 -1.82 -24.97
CA LYS A 872 26.37 -1.62 -26.39
C LYS A 872 27.03 -0.27 -26.66
N TRP A 873 27.09 0.61 -25.67
CA TRP A 873 27.62 1.95 -25.87
C TRP A 873 29.14 2.01 -25.88
N ILE A 874 29.84 0.88 -26.01
CA ILE A 874 31.28 0.92 -25.99
C ILE A 874 31.78 1.20 -27.40
N SER A 875 31.77 2.48 -27.79
CA SER A 875 32.27 2.93 -29.08
C SER A 875 32.29 4.44 -29.08
N SER A 876 33.38 5.03 -29.58
CA SER A 876 33.51 6.48 -29.75
C SER A 876 33.36 7.22 -28.42
N GLU A 877 34.17 6.79 -27.44
CA GLU A 877 34.44 7.54 -26.20
C GLU A 877 33.16 8.04 -25.53
N ASN A 878 32.14 7.17 -25.46
CA ASN A 878 30.90 7.57 -24.82
C ASN A 878 31.09 7.90 -23.34
N ILE A 879 31.69 6.98 -22.59
CA ILE A 879 31.63 7.06 -21.13
C ILE A 879 32.67 8.02 -20.56
N GLY A 880 33.95 7.73 -20.74
CA GLY A 880 34.98 8.64 -20.25
C GLY A 880 35.08 8.68 -18.75
N LEU A 881 34.07 9.27 -18.11
CA LEU A 881 34.01 9.45 -16.66
C LEU A 881 35.29 10.14 -16.18
N GLY A 882 35.45 11.39 -16.60
CA GLY A 882 36.69 12.12 -16.37
C GLY A 882 37.01 12.41 -14.92
N MET A 883 36.04 12.22 -14.03
CA MET A 883 36.20 12.50 -12.60
C MET A 883 36.66 13.95 -12.39
N ARG A 884 36.10 14.85 -13.19
CA ARG A 884 36.51 16.25 -13.14
C ARG A 884 35.82 17.00 -12.02
N HIS A 885 34.86 16.37 -11.33
CA HIS A 885 33.94 17.08 -10.46
C HIS A 885 33.74 16.34 -9.14
N LEU A 886 34.81 15.71 -8.65
CA LEU A 886 34.88 15.02 -7.35
C LEU A 886 33.57 14.34 -6.92
N PRO A 887 32.90 13.54 -7.78
CA PRO A 887 31.75 12.75 -7.35
C PRO A 887 32.17 11.70 -6.31
N SER A 888 32.04 12.04 -5.02
CA SER A 888 32.38 11.16 -3.87
C SER A 888 31.95 9.72 -4.13
N LEU A 889 30.66 9.42 -4.14
CA LEU A 889 30.18 8.03 -4.45
C LEU A 889 29.61 8.00 -5.86
N GLN A 890 29.09 6.86 -6.29
CA GLN A 890 28.43 6.90 -7.60
C GLN A 890 28.03 5.49 -7.97
N ARG A 891 26.76 5.28 -8.32
CA ARG A 891 26.25 3.95 -8.61
C ARG A 891 25.58 3.92 -9.98
N VAL A 892 25.83 2.85 -10.72
CA VAL A 892 25.39 2.70 -12.08
C VAL A 892 24.41 1.52 -12.15
N VAL A 893 23.62 1.48 -13.22
CA VAL A 893 22.74 0.36 -13.51
C VAL A 893 23.15 -0.25 -14.84
N VAL A 894 23.33 -1.57 -14.84
CA VAL A 894 23.74 -2.29 -16.03
C VAL A 894 22.51 -2.65 -16.86
N ASP A 895 22.71 -2.86 -18.17
CA ASP A 895 21.64 -3.27 -19.06
C ASP A 895 21.99 -4.59 -19.73
N VAL A 896 20.95 -5.39 -19.98
CA VAL A 896 21.15 -6.76 -20.47
C VAL A 896 21.65 -6.76 -21.92
N ILE A 897 21.07 -5.92 -22.76
CA ILE A 897 21.31 -6.01 -24.20
C ILE A 897 22.79 -5.73 -24.51
N SER A 898 23.39 -6.63 -25.27
CA SER A 898 24.81 -6.54 -25.66
C SER A 898 25.72 -6.46 -24.45
N SER B 25 2.28 -44.70 -9.94
CA SER B 25 2.37 -43.44 -10.67
C SER B 25 1.08 -43.16 -11.42
N LYS B 26 0.95 -43.75 -12.60
CA LYS B 26 -0.26 -43.58 -13.41
C LYS B 26 -1.48 -44.25 -12.79
N ASP B 27 -1.29 -45.11 -11.79
CA ASP B 27 -2.41 -45.84 -11.20
C ASP B 27 -3.46 -44.88 -10.65
N ILE B 28 -3.03 -43.78 -10.04
CA ILE B 28 -3.95 -42.75 -9.59
C ILE B 28 -3.98 -41.55 -10.53
N ARG B 29 -2.92 -41.28 -11.27
CA ARG B 29 -2.91 -40.16 -12.21
C ARG B 29 -4.00 -40.34 -13.27
N GLU B 30 -4.22 -41.58 -13.71
CA GLU B 30 -5.33 -41.85 -14.62
C GLU B 30 -6.68 -41.60 -13.94
N TYR B 31 -6.79 -41.97 -12.66
CA TYR B 31 -8.06 -41.83 -11.96
C TYR B 31 -8.44 -40.36 -11.78
N LEU B 32 -7.47 -39.52 -11.41
CA LEU B 32 -7.75 -38.09 -11.27
C LEU B 32 -8.09 -37.44 -12.60
N ALA B 33 -7.81 -38.09 -13.72
CA ALA B 33 -8.19 -37.57 -15.02
C ALA B 33 -9.54 -38.07 -15.51
N SER B 34 -10.27 -38.82 -14.68
CA SER B 34 -11.52 -39.43 -15.09
C SER B 34 -12.73 -38.97 -14.30
N THR B 35 -12.59 -38.70 -13.00
CA THR B 35 -13.73 -38.34 -12.17
C THR B 35 -14.18 -36.91 -12.46
N PHE B 36 -15.15 -36.44 -11.67
CA PHE B 36 -15.70 -35.11 -11.93
C PHE B 36 -14.84 -33.99 -11.38
N PRO B 37 -14.40 -34.00 -10.11
CA PRO B 37 -13.44 -33.00 -9.66
C PRO B 37 -12.01 -33.45 -9.92
N PHE B 38 -11.04 -32.65 -9.50
CA PHE B 38 -9.60 -32.87 -9.58
C PHE B 38 -9.02 -32.59 -10.98
N GLU B 39 -9.84 -32.33 -11.99
CA GLU B 39 -9.29 -31.92 -13.28
C GLU B 39 -9.11 -30.42 -13.41
N GLN B 40 -10.04 -29.62 -12.88
CA GLN B 40 -9.92 -28.18 -12.93
C GLN B 40 -8.78 -27.66 -12.04
N GLN B 41 -8.21 -28.51 -11.20
CA GLN B 41 -7.14 -28.12 -10.30
C GLN B 41 -5.86 -28.86 -10.64
N SER B 42 -4.74 -28.28 -10.26
CA SER B 42 -3.43 -28.86 -10.46
C SER B 42 -2.93 -29.49 -9.17
N THR B 43 -2.45 -30.72 -9.28
CA THR B 43 -2.01 -31.50 -8.12
C THR B 43 -0.49 -31.45 -8.01
N ILE B 44 -0.01 -31.38 -6.76
CA ILE B 44 1.43 -31.33 -6.51
C ILE B 44 2.14 -32.59 -6.96
N LEU B 45 1.41 -33.67 -7.23
CA LEU B 45 2.04 -34.89 -7.73
C LEU B 45 2.74 -34.66 -9.05
N ASP B 46 2.16 -33.83 -9.92
CA ASP B 46 2.76 -33.53 -11.21
C ASP B 46 3.89 -32.51 -11.07
N GLN B 65 -16.68 -28.71 -20.62
CA GLN B 65 -17.05 -28.13 -19.34
C GLN B 65 -17.99 -26.93 -19.53
N LEU B 66 -18.38 -26.68 -20.79
CA LEU B 66 -19.28 -25.59 -21.08
C LEU B 66 -20.68 -25.82 -20.51
N LYS B 67 -21.16 -27.06 -20.58
CA LYS B 67 -22.48 -27.37 -20.01
C LYS B 67 -22.50 -27.15 -18.51
N PHE B 68 -21.39 -27.42 -17.83
CA PHE B 68 -21.38 -27.37 -16.37
C PHE B 68 -21.71 -25.96 -15.86
N ARG B 69 -21.07 -24.94 -16.43
CA ARG B 69 -21.36 -23.58 -15.99
C ARG B 69 -22.54 -22.97 -16.74
N GLN B 70 -22.88 -23.48 -17.92
CA GLN B 70 -24.11 -23.03 -18.57
C GLN B 70 -25.33 -23.39 -17.74
N GLU B 71 -25.32 -24.59 -17.15
CA GLU B 71 -26.42 -25.00 -16.29
C GLU B 71 -26.53 -24.10 -15.06
N ASN B 72 -25.40 -23.75 -14.45
CA ASN B 72 -25.43 -22.84 -13.31
C ASN B 72 -25.95 -21.47 -13.72
N LEU B 73 -25.53 -20.99 -14.89
CA LEU B 73 -26.05 -19.73 -15.41
C LEU B 73 -27.57 -19.76 -15.55
N ALA B 74 -28.09 -20.85 -16.12
CA ALA B 74 -29.54 -20.99 -16.26
C ALA B 74 -30.22 -21.07 -14.91
N GLU B 75 -29.62 -21.79 -13.97
CA GLU B 75 -30.20 -22.04 -12.65
C GLU B 75 -30.16 -20.82 -11.73
N LEU B 76 -29.33 -19.83 -12.06
CA LEU B 76 -29.21 -18.66 -11.19
C LEU B 76 -30.53 -17.92 -11.00
N LYS B 77 -31.42 -17.97 -12.00
CA LYS B 77 -32.61 -17.12 -12.00
C LYS B 77 -33.77 -17.71 -11.22
N ASP B 78 -33.59 -18.87 -10.58
CA ASP B 78 -34.70 -19.50 -9.89
C ASP B 78 -34.96 -18.86 -8.53
N GLN B 79 -33.96 -18.88 -7.65
CA GLN B 79 -34.14 -18.39 -6.29
C GLN B 79 -34.31 -16.88 -6.21
N ILE B 80 -34.06 -16.15 -7.31
CA ILE B 80 -34.19 -14.70 -7.28
C ILE B 80 -35.65 -14.30 -7.08
N ILE B 81 -36.56 -14.93 -7.82
CA ILE B 81 -37.97 -14.53 -7.78
C ILE B 81 -38.64 -14.92 -6.46
N LEU B 82 -38.06 -15.86 -5.72
CA LEU B 82 -38.67 -16.29 -4.46
C LEU B 82 -38.53 -15.25 -3.35
N SER B 83 -37.70 -14.22 -3.54
CA SER B 83 -37.53 -13.18 -2.53
C SER B 83 -38.08 -11.84 -3.01
N LEU B 84 -39.08 -11.87 -3.90
CA LEU B 84 -39.68 -10.64 -4.39
C LEU B 84 -40.57 -9.98 -3.34
N GLY B 85 -40.95 -10.70 -2.29
CA GLY B 85 -41.77 -10.13 -1.23
C GLY B 85 -40.97 -9.36 -0.21
N ASN B 92 -36.85 -3.70 -4.53
CA ASN B 92 -35.56 -3.78 -3.87
C ASN B 92 -34.84 -5.08 -4.23
N TRP B 93 -35.61 -6.09 -4.66
CA TRP B 93 -35.06 -7.35 -5.13
C TRP B 93 -35.32 -7.56 -6.62
N GLN B 94 -35.40 -6.47 -7.39
CA GLN B 94 -35.61 -6.57 -8.82
C GLN B 94 -34.39 -6.14 -9.64
N LYS B 95 -33.54 -5.28 -9.08
CA LYS B 95 -32.34 -4.86 -9.79
C LYS B 95 -31.39 -6.02 -9.99
N LEU B 96 -31.29 -6.90 -8.99
CA LEU B 96 -30.45 -8.09 -9.13
C LEU B 96 -30.97 -8.99 -10.24
N LEU B 97 -32.29 -9.16 -10.34
CA LEU B 97 -32.86 -9.97 -11.41
C LEU B 97 -32.58 -9.33 -12.77
N ASP B 98 -32.69 -8.01 -12.86
CA ASP B 98 -32.38 -7.32 -14.10
C ASP B 98 -30.92 -7.55 -14.49
N TYR B 99 -30.01 -7.43 -13.51
CA TYR B 99 -28.60 -7.68 -13.78
C TYR B 99 -28.37 -9.11 -14.23
N THR B 100 -29.06 -10.07 -13.60
CA THR B 100 -28.89 -11.47 -13.96
C THR B 100 -29.34 -11.73 -15.38
N ASN B 101 -30.50 -11.16 -15.77
CA ASN B 101 -30.96 -11.34 -17.14
C ASN B 101 -30.03 -10.66 -18.14
N LYS B 102 -29.52 -9.48 -17.79
CA LYS B 102 -28.56 -8.81 -18.67
C LYS B 102 -27.31 -9.65 -18.86
N LEU B 103 -26.78 -10.21 -17.78
CA LEU B 103 -25.59 -11.04 -17.88
C LEU B 103 -25.87 -12.32 -18.67
N ASP B 104 -27.06 -12.91 -18.47
CA ASP B 104 -27.41 -14.13 -19.20
C ASP B 104 -27.49 -13.87 -20.70
N GLU B 105 -28.15 -12.80 -21.10
CA GLU B 105 -28.24 -12.49 -22.53
C GLU B 105 -26.88 -12.07 -23.08
N LEU B 106 -26.07 -11.42 -22.25
CA LEU B 106 -24.73 -11.02 -22.66
C LEU B 106 -23.86 -12.24 -22.95
N SER B 107 -23.88 -13.23 -22.05
CA SER B 107 -23.03 -14.41 -22.23
C SER B 107 -23.56 -15.31 -23.33
N ASN B 108 -24.87 -15.56 -23.34
CA ASN B 108 -25.42 -16.52 -24.30
C ASN B 108 -25.34 -16.02 -25.73
N THR B 109 -25.72 -14.75 -25.96
CA THR B 109 -25.69 -14.23 -27.31
C THR B 109 -24.26 -13.92 -27.75
N LYS B 110 -24.08 -13.77 -29.05
CA LYS B 110 -22.78 -13.47 -29.65
C LYS B 110 -22.69 -11.96 -29.86
N ILE B 111 -21.64 -11.35 -29.31
CA ILE B 111 -21.43 -9.92 -29.39
C ILE B 111 -20.04 -9.66 -29.94
N SER B 112 -19.93 -8.69 -30.84
CA SER B 112 -18.64 -8.33 -31.40
C SER B 112 -17.73 -7.80 -30.29
N PRO B 113 -16.41 -8.02 -30.39
CA PRO B 113 -15.51 -7.55 -29.32
C PRO B 113 -15.53 -6.05 -29.12
N GLU B 114 -15.85 -5.27 -30.15
CA GLU B 114 -15.88 -3.83 -30.02
C GLU B 114 -17.01 -3.33 -29.13
N GLU B 115 -17.98 -4.19 -28.79
CA GLU B 115 -19.08 -3.82 -27.92
C GLU B 115 -19.10 -4.60 -26.61
N PHE B 116 -18.46 -5.78 -26.58
CA PHE B 116 -18.51 -6.60 -25.38
C PHE B 116 -17.90 -5.90 -24.17
N ILE B 117 -16.78 -5.19 -24.36
CA ILE B 117 -16.13 -4.54 -23.22
C ILE B 117 -17.06 -3.50 -22.61
N GLU B 118 -17.72 -2.70 -23.46
CA GLU B 118 -18.68 -1.73 -22.95
C GLU B 118 -19.84 -2.41 -22.24
N GLU B 119 -20.35 -3.50 -22.83
CA GLU B 119 -21.47 -4.21 -22.21
C GLU B 119 -21.09 -4.75 -20.84
N ILE B 120 -19.90 -5.37 -20.74
CA ILE B 120 -19.49 -6.02 -19.50
C ILE B 120 -19.04 -5.02 -18.45
N GLN B 121 -18.60 -3.83 -18.85
CA GLN B 121 -18.26 -2.81 -17.87
C GLN B 121 -19.46 -2.00 -17.41
N LYS B 122 -20.50 -1.89 -18.25
CA LYS B 122 -21.72 -1.21 -17.85
C LYS B 122 -22.33 -1.86 -16.61
N VAL B 123 -22.52 -3.18 -16.66
CA VAL B 123 -23.11 -3.89 -15.53
C VAL B 123 -22.15 -3.91 -14.35
N LEU B 124 -20.86 -4.14 -14.62
CA LEU B 124 -19.90 -4.35 -13.56
C LEU B 124 -19.68 -3.08 -12.74
N TYR B 125 -19.68 -1.92 -13.38
CA TYR B 125 -19.44 -0.67 -12.65
C TYR B 125 -20.61 -0.26 -11.76
N LYS B 126 -21.81 -0.77 -12.03
CA LYS B 126 -22.99 -0.32 -11.28
C LYS B 126 -23.05 -0.87 -9.86
N VAL B 127 -22.69 -2.15 -9.67
CA VAL B 127 -22.78 -2.74 -8.34
C VAL B 127 -21.74 -2.13 -7.43
N LYS B 128 -22.18 -1.63 -6.28
CA LYS B 128 -21.32 -0.91 -5.35
C LYS B 128 -21.19 -1.59 -4.00
N LEU B 129 -22.31 -1.92 -3.36
CA LEU B 129 -22.28 -2.53 -2.04
C LEU B 129 -23.53 -3.38 -1.79
N LEU B 137 -28.72 -11.91 4.00
CA LEU B 137 -28.90 -12.76 2.84
C LEU B 137 -28.89 -11.96 1.54
N TYR B 138 -29.32 -10.69 1.60
CA TYR B 138 -29.29 -9.85 0.41
C TYR B 138 -27.87 -9.64 -0.09
N SER B 139 -26.93 -9.41 0.82
CA SER B 139 -25.56 -9.11 0.42
C SER B 139 -24.93 -10.28 -0.33
N GLN B 140 -25.18 -11.51 0.13
CA GLN B 140 -24.57 -12.68 -0.50
C GLN B 140 -24.98 -12.80 -1.95
N PHE B 141 -26.27 -12.58 -2.25
CA PHE B 141 -26.72 -12.62 -3.63
C PHE B 141 -26.04 -11.57 -4.49
N ASN B 142 -25.58 -10.47 -3.88
CA ASN B 142 -24.92 -9.42 -4.67
C ASN B 142 -23.51 -9.83 -5.08
N LEU B 143 -22.77 -10.49 -4.18
CA LEU B 143 -21.40 -10.86 -4.50
C LEU B 143 -21.34 -11.84 -5.65
N SER B 144 -22.29 -12.79 -5.70
CA SER B 144 -22.36 -13.71 -6.82
C SER B 144 -22.66 -13.02 -8.14
N ILE B 145 -23.29 -11.84 -8.09
CA ILE B 145 -23.60 -11.12 -9.32
C ILE B 145 -22.32 -10.71 -10.04
N GLN B 146 -21.36 -10.15 -9.30
CA GLN B 146 -20.12 -9.72 -9.93
C GLN B 146 -19.11 -10.84 -10.08
N ASP B 147 -19.18 -11.88 -9.23
CA ASP B 147 -18.30 -13.02 -9.41
C ASP B 147 -18.59 -13.72 -10.72
N PHE B 148 -19.86 -13.93 -11.05
CA PHE B 148 -20.21 -14.44 -12.36
C PHE B 148 -19.91 -13.42 -13.45
N ALA B 149 -19.94 -12.12 -13.12
CA ALA B 149 -19.71 -11.10 -14.12
C ALA B 149 -18.28 -11.15 -14.66
N LEU B 150 -17.29 -11.17 -13.76
CA LEU B 150 -15.91 -11.22 -14.20
C LEU B 150 -15.41 -12.64 -14.42
N GLN B 151 -16.27 -13.65 -14.23
CA GLN B 151 -15.98 -14.96 -14.77
C GLN B 151 -16.23 -14.98 -16.28
N ILE B 152 -17.14 -14.14 -16.76
CA ILE B 152 -17.49 -14.12 -18.18
C ILE B 152 -16.28 -13.76 -19.02
N ILE B 153 -15.50 -12.77 -18.58
CA ILE B 153 -14.33 -12.35 -19.33
C ILE B 153 -13.38 -13.53 -19.53
N HIS B 154 -13.05 -14.23 -18.44
CA HIS B 154 -12.17 -15.39 -18.55
C HIS B 154 -12.86 -16.54 -19.25
N SER B 155 -14.20 -16.57 -19.24
CA SER B 155 -14.93 -17.70 -19.76
C SER B 155 -14.66 -17.92 -21.24
N LYS B 156 -14.56 -16.84 -22.01
CA LYS B 156 -14.34 -16.92 -23.45
C LYS B 156 -13.00 -16.37 -23.90
N TYR B 157 -12.29 -15.63 -23.05
CA TYR B 157 -10.94 -15.20 -23.38
C TYR B 157 -10.04 -16.40 -23.65
N LYS B 158 -10.24 -17.49 -22.91
CA LYS B 158 -9.51 -18.72 -23.20
C LYS B 158 -9.78 -19.20 -24.61
N SER B 159 -10.97 -18.93 -25.13
CA SER B 159 -11.28 -19.19 -26.53
C SER B 159 -10.93 -18.01 -27.43
N ASN B 160 -10.35 -16.95 -26.87
CA ASN B 160 -9.91 -15.78 -27.63
C ASN B 160 -11.05 -15.11 -28.37
N GLN B 161 -12.24 -15.06 -27.75
CA GLN B 161 -13.32 -14.25 -28.31
C GLN B 161 -13.03 -12.77 -28.18
N ILE B 162 -12.13 -12.39 -27.27
CA ILE B 162 -11.70 -11.02 -27.08
C ILE B 162 -10.20 -10.96 -27.25
N SER B 163 -9.72 -9.98 -28.01
CA SER B 163 -8.28 -9.78 -28.16
C SER B 163 -7.66 -9.46 -26.81
N GLN B 164 -6.56 -10.13 -26.48
CA GLN B 164 -5.93 -9.97 -25.18
C GLN B 164 -5.40 -8.55 -24.98
N ASN B 165 -5.12 -7.83 -26.07
CA ASN B 165 -4.70 -6.44 -25.92
C ASN B 165 -5.81 -5.60 -25.30
N ASP B 166 -7.04 -5.77 -25.78
CA ASP B 166 -8.17 -5.05 -25.19
C ASP B 166 -8.44 -5.52 -23.77
N LEU B 167 -8.23 -6.82 -23.50
CA LEU B 167 -8.39 -7.33 -22.15
C LEU B 167 -7.41 -6.67 -21.19
N LEU B 168 -6.14 -6.57 -21.60
CA LEU B 168 -5.15 -5.89 -20.78
C LEU B 168 -5.50 -4.41 -20.62
N LYS B 169 -5.98 -3.78 -21.70
CA LYS B 169 -6.41 -2.39 -21.62
C LYS B 169 -7.52 -2.21 -20.59
N LEU B 170 -8.43 -3.18 -20.52
CA LEU B 170 -9.51 -3.11 -19.55
C LEU B 170 -9.02 -3.30 -18.13
N ILE B 171 -8.17 -4.32 -17.91
CA ILE B 171 -7.77 -4.65 -16.55
C ILE B 171 -6.91 -3.56 -15.93
N THR B 172 -6.07 -2.90 -16.73
CA THR B 172 -5.15 -1.91 -16.17
C THR B 172 -5.87 -0.72 -15.54
N GLU B 173 -7.17 -0.54 -15.83
CA GLU B 173 -7.94 0.49 -15.15
C GLU B 173 -7.93 0.24 -13.65
N ASP B 174 -7.80 1.32 -12.88
CA ASP B 174 -7.69 1.18 -11.42
C ASP B 174 -8.94 0.57 -10.81
N GLU B 175 -10.10 0.76 -11.43
CA GLU B 175 -11.34 0.22 -10.87
C GLU B 175 -11.37 -1.30 -10.94
N MET B 176 -11.04 -1.86 -12.10
CA MET B 176 -11.17 -3.30 -12.29
C MET B 176 -10.24 -4.07 -11.36
N LEU B 177 -9.02 -3.55 -11.15
CA LEU B 177 -8.07 -4.25 -10.29
C LEU B 177 -8.61 -4.37 -8.87
N LYS B 178 -9.04 -3.26 -8.28
CA LYS B 178 -9.57 -3.32 -6.92
C LYS B 178 -10.82 -4.18 -6.87
N ILE B 179 -11.67 -4.10 -7.90
CA ILE B 179 -12.90 -4.88 -7.91
C ILE B 179 -12.59 -6.37 -7.86
N LEU B 180 -11.65 -6.82 -8.70
CA LEU B 180 -11.37 -8.26 -8.72
C LEU B 180 -10.62 -8.69 -7.47
N ALA B 181 -9.73 -7.85 -6.96
CA ALA B 181 -9.02 -8.19 -5.73
C ALA B 181 -9.99 -8.35 -4.57
N LYS B 182 -11.02 -7.50 -4.50
CA LYS B 182 -12.02 -7.65 -3.45
C LYS B 182 -12.88 -8.88 -3.67
N THR B 183 -13.34 -9.09 -4.91
CA THR B 183 -14.28 -10.16 -5.16
C THR B 183 -13.65 -11.54 -4.98
N LYS B 184 -12.33 -11.68 -5.16
CA LYS B 184 -11.71 -12.98 -4.94
C LYS B 184 -11.85 -13.41 -3.48
N VAL B 185 -11.43 -12.54 -2.55
CA VAL B 185 -11.49 -12.91 -1.15
C VAL B 185 -12.93 -13.04 -0.70
N LEU B 186 -13.84 -12.20 -1.20
CA LEU B 186 -15.25 -12.36 -0.83
C LEU B 186 -15.80 -13.70 -1.29
N THR B 187 -15.51 -14.09 -2.52
CA THR B 187 -16.00 -15.37 -3.02
C THR B 187 -15.44 -16.53 -2.21
N TYR B 188 -14.15 -16.47 -1.87
CA TYR B 188 -13.56 -17.56 -1.08
C TYR B 188 -14.21 -17.64 0.30
N LYS B 189 -14.32 -16.51 0.98
CA LYS B 189 -14.87 -16.52 2.33
C LYS B 189 -16.34 -16.92 2.35
N MET B 190 -17.07 -16.63 1.27
CA MET B 190 -18.49 -16.95 1.25
C MET B 190 -18.72 -18.46 1.30
N LYS B 191 -17.90 -19.24 0.62
CA LYS B 191 -18.14 -20.67 0.47
C LYS B 191 -17.13 -21.54 1.20
N TYR B 192 -15.83 -21.41 0.90
CA TYR B 192 -14.89 -22.37 1.45
C TYR B 192 -14.55 -22.13 2.91
N PHE B 193 -14.76 -20.92 3.42
CA PHE B 193 -14.38 -20.62 4.80
C PHE B 193 -15.20 -21.45 5.79
N ASP B 194 -16.50 -21.57 5.54
CA ASP B 194 -17.34 -22.33 6.45
C ASP B 194 -16.94 -23.80 6.51
N SER B 195 -16.65 -24.39 5.35
CA SER B 195 -16.22 -25.79 5.32
C SER B 195 -14.86 -25.96 5.99
N ALA B 196 -13.94 -25.03 5.74
CA ALA B 196 -12.59 -25.17 6.27
C ALA B 196 -12.52 -24.88 7.77
N SER B 197 -13.48 -24.13 8.30
CA SER B 197 -13.44 -23.83 9.73
C SER B 197 -13.64 -25.07 10.58
N LYS B 198 -14.49 -26.00 10.12
CA LYS B 198 -14.74 -27.22 10.88
C LYS B 198 -13.48 -28.07 10.99
N MET B 199 -12.71 -28.17 9.91
CA MET B 199 -11.52 -29.00 9.89
C MET B 199 -10.35 -28.39 10.64
N GLY B 200 -10.45 -27.12 11.05
CA GLY B 200 -9.33 -26.45 11.67
C GLY B 200 -8.26 -25.98 10.70
N ILE B 201 -8.55 -26.01 9.40
CA ILE B 201 -7.59 -25.61 8.38
C ILE B 201 -7.86 -24.15 8.02
N ASN B 202 -8.60 -23.45 8.89
CA ASN B 202 -8.94 -22.06 8.60
C ASN B 202 -7.70 -21.18 8.52
N LYS B 203 -6.72 -21.43 9.39
CA LYS B 203 -5.51 -20.62 9.39
C LYS B 203 -4.57 -20.94 8.23
N TYR B 204 -4.83 -22.00 7.48
CA TYR B 204 -3.96 -22.43 6.39
C TYR B 204 -4.55 -22.07 5.04
N ILE B 205 -5.20 -20.91 4.96
CA ILE B 205 -5.75 -20.38 3.73
C ILE B 205 -4.85 -19.23 3.29
N SER B 206 -4.21 -19.38 2.14
CA SER B 206 -3.22 -18.42 1.67
C SER B 206 -3.71 -17.72 0.41
N THR B 207 -3.53 -16.40 0.37
CA THR B 207 -4.03 -15.62 -0.75
C THR B 207 -3.37 -16.04 -2.06
N GLU B 208 -2.05 -16.24 -2.04
CA GLU B 208 -1.36 -16.67 -3.24
C GLU B 208 -1.82 -18.04 -3.70
N MET B 209 -2.37 -18.83 -2.78
CA MET B 209 -2.61 -20.24 -3.05
C MET B 209 -4.06 -20.47 -3.45
N MET B 210 -4.83 -19.39 -3.54
CA MET B 210 -6.26 -19.45 -3.83
C MET B 210 -6.55 -19.72 -5.30
N ASP B 211 -5.62 -19.39 -6.20
CA ASP B 211 -5.84 -19.62 -7.63
C ASP B 211 -5.90 -21.10 -7.97
N LEU B 212 -5.34 -21.97 -7.12
CA LEU B 212 -5.23 -23.38 -7.48
C LEU B 212 -6.51 -24.17 -7.21
N ASP B 213 -7.45 -23.62 -6.45
CA ASP B 213 -8.71 -24.31 -6.25
C ASP B 213 -9.51 -24.33 -7.55
N TRP B 214 -10.32 -25.37 -7.72
CA TRP B 214 -10.96 -25.59 -9.01
C TRP B 214 -11.96 -24.48 -9.33
N GLN B 215 -12.69 -23.99 -8.34
CA GLN B 215 -13.63 -22.91 -8.58
C GLN B 215 -12.92 -21.64 -9.03
N PHE B 216 -11.83 -21.29 -8.37
CA PHE B 216 -11.10 -20.05 -8.68
C PHE B 216 -10.05 -20.28 -9.75
N SER B 217 -10.46 -20.90 -10.86
CA SER B 217 -9.59 -21.07 -12.00
C SER B 217 -9.63 -19.90 -12.95
N HIS B 218 -10.56 -18.97 -12.76
CA HIS B 218 -10.67 -17.80 -13.61
C HIS B 218 -9.85 -16.62 -13.11
N TYR B 219 -8.99 -16.83 -12.11
CA TYR B 219 -7.95 -15.87 -11.78
C TYR B 219 -6.59 -16.32 -12.29
N LYS B 220 -6.45 -17.59 -12.66
CA LYS B 220 -5.21 -18.08 -13.24
C LYS B 220 -4.80 -17.24 -14.45
N THR B 221 -5.73 -17.07 -15.39
CA THR B 221 -5.42 -16.26 -16.57
C THR B 221 -5.21 -14.80 -16.20
N PHE B 222 -6.12 -14.24 -15.40
CA PHE B 222 -6.05 -12.83 -15.03
C PHE B 222 -4.73 -12.48 -14.39
N ASN B 223 -4.08 -13.44 -13.72
CA ASN B 223 -2.78 -13.15 -13.16
C ASN B 223 -1.64 -13.52 -14.09
N ASP B 224 -1.67 -14.70 -14.71
CA ASP B 224 -0.52 -15.17 -15.47
C ASP B 224 -0.35 -14.39 -16.77
N ALA B 225 -1.44 -14.20 -17.54
CA ALA B 225 -1.32 -13.45 -18.78
C ALA B 225 -0.89 -12.01 -18.50
N LEU B 226 -1.45 -11.42 -17.45
CA LEU B 226 -1.06 -10.09 -17.04
C LEU B 226 0.43 -10.03 -16.68
N LYS B 227 0.93 -11.04 -15.96
CA LYS B 227 2.34 -11.08 -15.62
C LYS B 227 3.20 -11.19 -16.88
N LYS B 228 2.76 -11.99 -17.85
CA LYS B 228 3.51 -12.10 -19.10
C LYS B 228 3.56 -10.77 -19.84
N ASN B 229 2.45 -10.03 -19.84
CA ASN B 229 2.38 -8.82 -20.65
C ASN B 229 2.74 -7.54 -19.88
N LYS B 230 2.28 -7.40 -18.65
CA LYS B 230 2.50 -6.20 -17.85
C LYS B 230 2.99 -6.62 -16.47
N ALA B 231 4.29 -6.52 -16.24
CA ALA B 231 4.89 -7.14 -15.06
C ALA B 231 4.40 -6.49 -13.77
N SER B 232 4.39 -5.16 -13.72
CA SER B 232 4.16 -4.47 -12.44
C SER B 232 2.73 -4.63 -11.95
N ASP B 233 1.75 -4.65 -12.86
CA ASP B 233 0.36 -4.71 -12.43
C ASP B 233 0.03 -6.03 -11.75
N SER B 234 0.76 -7.10 -12.07
CA SER B 234 0.50 -8.38 -11.40
C SER B 234 0.85 -8.29 -9.92
N SER B 235 2.02 -7.74 -9.61
CA SER B 235 2.38 -7.50 -8.22
C SER B 235 1.43 -6.50 -7.58
N TYR B 236 0.96 -5.51 -8.35
CA TYR B 236 0.01 -4.56 -7.79
C TYR B 236 -1.26 -5.25 -7.34
N LEU B 237 -1.86 -6.08 -8.20
CA LEU B 237 -3.10 -6.71 -7.80
C LEU B 237 -2.89 -7.81 -6.76
N GLY B 238 -1.71 -8.42 -6.71
CA GLY B 238 -1.41 -9.31 -5.60
C GLY B 238 -1.40 -8.57 -4.28
N TRP B 239 -0.76 -7.40 -4.26
CA TRP B 239 -0.77 -6.57 -3.06
C TRP B 239 -2.19 -6.17 -2.69
N LEU B 240 -2.99 -5.79 -3.68
CA LEU B 240 -4.38 -5.41 -3.42
C LEU B 240 -5.18 -6.57 -2.84
N THR B 241 -5.05 -7.76 -3.42
CA THR B 241 -5.86 -8.87 -2.95
C THR B 241 -5.45 -9.31 -1.56
N HIS B 242 -4.17 -9.23 -1.23
CA HIS B 242 -3.82 -9.56 0.14
C HIS B 242 -4.29 -8.50 1.12
N GLY B 243 -4.30 -7.23 0.71
CA GLY B 243 -4.86 -6.21 1.58
C GLY B 243 -6.33 -6.45 1.86
N TYR B 244 -7.09 -6.79 0.82
CA TYR B 244 -8.52 -7.06 1.01
C TYR B 244 -8.72 -8.31 1.86
N SER B 245 -7.90 -9.33 1.68
CA SER B 245 -8.02 -10.53 2.50
C SER B 245 -7.73 -10.21 3.97
N ILE B 246 -6.72 -9.39 4.24
CA ILE B 246 -6.41 -9.06 5.62
C ILE B 246 -7.44 -8.10 6.21
N LYS B 247 -8.24 -7.45 5.37
CA LYS B 247 -9.25 -6.53 5.91
C LYS B 247 -10.61 -7.18 6.10
N TYR B 248 -10.89 -8.29 5.42
CA TYR B 248 -12.22 -8.88 5.45
C TYR B 248 -12.30 -10.15 6.30
N GLY B 249 -11.40 -10.32 7.26
CA GLY B 249 -11.54 -11.37 8.25
C GLY B 249 -10.95 -12.71 7.87
N LEU B 250 -10.36 -12.85 6.69
CA LEU B 250 -9.67 -14.10 6.36
C LEU B 250 -8.46 -14.30 7.27
N SER B 251 -7.86 -13.20 7.74
CA SER B 251 -6.75 -13.23 8.68
C SER B 251 -7.11 -12.31 9.85
N PRO B 252 -7.86 -12.81 10.82
CA PRO B 252 -8.33 -11.94 11.90
C PRO B 252 -7.21 -11.53 12.84
N ASN B 253 -6.98 -10.22 12.93
CA ASN B 253 -5.94 -9.67 13.79
C ASN B 253 -6.40 -8.31 14.29
N ASN B 254 -6.04 -8.00 15.53
CA ASN B 254 -6.47 -6.74 16.14
C ASN B 254 -5.68 -5.55 15.65
N GLU B 255 -4.41 -5.73 15.28
CA GLU B 255 -3.55 -4.62 14.91
C GLU B 255 -3.71 -4.27 13.43
N ARG B 256 -3.51 -3.00 13.12
CA ARG B 256 -3.61 -2.53 11.74
C ARG B 256 -2.49 -3.11 10.91
N SER B 257 -2.80 -3.44 9.65
CA SER B 257 -1.81 -4.01 8.74
C SER B 257 -0.90 -2.91 8.22
N MET B 258 0.40 -3.12 8.34
CA MET B 258 1.40 -2.12 7.97
C MET B 258 2.01 -2.36 6.59
N PHE B 259 1.52 -3.36 5.85
CA PHE B 259 2.05 -3.67 4.52
C PHE B 259 1.07 -3.38 3.40
N PHE B 260 -0.21 -3.26 3.70
CA PHE B 260 -1.24 -3.25 2.67
C PHE B 260 -2.24 -2.15 2.97
N GLN B 261 -3.16 -1.95 2.03
CA GLN B 261 -4.22 -0.93 2.16
C GLN B 261 -3.62 0.47 2.34
N ASP B 262 -2.56 0.76 1.60
CA ASP B 262 -1.91 2.07 1.71
C ASP B 262 -1.15 2.33 0.42
N GLY B 263 -1.55 3.37 -0.31
CA GLY B 263 -0.97 3.60 -1.62
C GLY B 263 0.52 3.89 -1.57
N ARG B 264 0.96 4.64 -0.57
CA ARG B 264 2.37 5.02 -0.50
C ARG B 264 3.27 3.82 -0.25
N LYS B 265 2.78 2.82 0.50
CA LYS B 265 3.55 1.59 0.68
C LYS B 265 3.79 0.90 -0.66
N TYR B 266 2.74 0.77 -1.48
CA TYR B 266 2.92 0.15 -2.78
C TYR B 266 3.83 0.98 -3.68
N ALA B 267 3.73 2.31 -3.59
CA ALA B 267 4.62 3.15 -4.39
C ALA B 267 6.07 2.92 -4.00
N GLU B 268 6.34 2.80 -2.70
CA GLU B 268 7.70 2.52 -2.25
C GLU B 268 8.17 1.16 -2.74
N LEU B 269 7.30 0.15 -2.66
CA LEU B 269 7.68 -1.18 -3.13
C LEU B 269 7.99 -1.17 -4.63
N TYR B 270 7.19 -0.46 -5.41
CA TYR B 270 7.43 -0.38 -6.85
C TYR B 270 8.73 0.35 -7.16
N ALA B 271 8.98 1.46 -6.45
CA ALA B 271 10.23 2.18 -6.65
C ALA B 271 11.43 1.31 -6.33
N PHE B 272 11.32 0.48 -5.29
CA PHE B 272 12.36 -0.50 -5.02
C PHE B 272 12.47 -1.49 -6.18
N SER B 273 11.33 -1.94 -6.69
CA SER B 273 11.35 -2.98 -7.72
C SER B 273 12.07 -2.51 -8.98
N LYS B 274 11.83 -1.28 -9.40
CA LYS B 274 12.43 -0.81 -10.65
C LYS B 274 13.90 -0.43 -10.49
N SER B 275 14.34 -0.04 -9.30
CA SER B 275 15.74 0.29 -9.04
C SER B 275 16.20 -0.50 -7.82
N PRO B 276 16.54 -1.77 -8.01
CA PRO B 276 16.83 -2.64 -6.85
C PRO B 276 18.00 -2.17 -6.02
N HIS B 277 18.87 -1.32 -6.56
CA HIS B 277 20.01 -0.83 -5.80
C HIS B 277 19.57 0.19 -4.76
N ARG B 278 18.25 0.39 -4.62
CA ARG B 278 17.74 1.23 -3.55
C ARG B 278 17.80 0.53 -2.20
N LYS B 279 17.76 -0.79 -2.18
CA LYS B 279 17.78 -1.52 -0.91
C LYS B 279 19.07 -1.27 -0.14
N ILE B 280 20.18 -1.05 -0.83
CA ILE B 280 21.46 -0.82 -0.15
C ILE B 280 21.40 0.48 0.65
N ILE B 281 20.91 1.54 0.03
CA ILE B 281 20.75 2.83 0.71
C ILE B 281 19.34 3.34 0.45
N PRO B 282 18.33 2.82 1.15
CA PRO B 282 16.97 3.31 0.96
C PRO B 282 16.74 4.60 1.72
N GLY B 283 15.73 5.36 1.27
CA GLY B 283 15.35 6.58 1.92
C GLY B 283 14.34 6.35 3.02
N GLU B 284 13.79 7.45 3.52
CA GLU B 284 12.72 7.37 4.50
C GLU B 284 11.49 6.74 3.87
N HIS B 285 10.65 6.14 4.72
CA HIS B 285 9.42 5.44 4.39
C HIS B 285 9.74 4.06 3.86
N LEU B 286 11.02 3.72 3.67
CA LEU B 286 11.42 2.36 3.37
C LEU B 286 12.25 1.74 4.49
N LYS B 287 12.81 2.54 5.40
CA LYS B 287 13.35 2.00 6.64
C LYS B 287 12.27 1.26 7.40
N ASP B 288 11.08 1.85 7.49
CA ASP B 288 9.99 1.26 8.26
C ASP B 288 9.57 -0.08 7.66
N LEU B 289 9.46 -0.15 6.33
CA LEU B 289 9.00 -1.38 5.71
C LEU B 289 10.00 -2.52 5.91
N LEU B 290 11.30 -2.24 5.76
CA LEU B 290 12.31 -3.26 6.02
C LEU B 290 12.34 -3.67 7.48
N ALA B 291 12.17 -2.71 8.39
CA ALA B 291 12.14 -3.06 9.81
C ALA B 291 10.97 -3.99 10.12
N LYS B 292 9.81 -3.70 9.52
CA LYS B 292 8.66 -4.59 9.73
C LYS B 292 8.89 -5.96 9.11
N ILE B 293 9.55 -6.01 7.95
CA ILE B 293 9.90 -7.31 7.36
C ILE B 293 10.77 -8.11 8.32
N ASN B 294 11.79 -7.47 8.88
CA ASN B 294 12.68 -8.17 9.79
C ASN B 294 11.94 -8.64 11.04
N LYS B 295 11.04 -7.80 11.56
CA LYS B 295 10.26 -8.20 12.74
C LYS B 295 9.39 -9.40 12.45
N SER B 296 8.71 -9.40 11.30
CA SER B 296 7.87 -10.53 10.95
C SER B 296 8.69 -11.78 10.71
N LYS B 297 9.87 -11.63 10.11
CA LYS B 297 10.75 -12.79 9.91
C LYS B 297 11.20 -13.38 11.23
N GLY B 298 11.57 -12.52 12.19
CA GLY B 298 11.93 -13.02 13.51
C GLY B 298 10.78 -13.72 14.22
N ILE B 299 9.57 -13.17 14.08
CA ILE B 299 8.39 -13.83 14.64
C ILE B 299 8.19 -15.20 14.01
N PHE B 300 8.32 -15.28 12.68
CA PHE B 300 8.13 -16.55 11.98
C PHE B 300 9.15 -17.59 12.44
N LEU B 301 10.42 -17.19 12.55
CA LEU B 301 11.47 -18.14 12.86
C LEU B 301 11.49 -18.57 14.32
N ASP B 302 10.64 -17.99 15.16
CA ASP B 302 10.63 -18.32 16.57
C ASP B 302 10.19 -19.77 16.79
N GLN B 303 10.49 -20.29 17.98
CA GLN B 303 10.18 -21.66 18.36
C GLN B 303 8.97 -21.78 19.27
N ASN B 304 8.87 -20.94 20.30
CA ASN B 304 7.78 -20.99 21.26
C ASN B 304 6.67 -20.01 20.95
N ALA B 305 6.73 -19.31 19.82
CA ALA B 305 5.72 -18.33 19.48
C ALA B 305 4.38 -19.00 19.21
N LEU B 306 3.30 -18.24 19.45
CA LEU B 306 1.96 -18.76 19.25
C LEU B 306 1.74 -19.09 17.78
N LEU B 307 1.00 -20.18 17.54
CA LEU B 307 0.77 -20.65 16.18
C LEU B 307 0.00 -19.61 15.36
N ASP B 308 -1.00 -18.98 15.96
CA ASP B 308 -1.87 -18.06 15.22
C ASP B 308 -1.07 -16.92 14.60
N LYS B 309 -0.43 -16.10 15.43
CA LYS B 309 0.28 -14.94 14.91
C LYS B 309 1.48 -15.34 14.07
N ARG B 310 2.11 -16.50 14.35
CA ARG B 310 3.23 -16.92 13.53
C ARG B 310 2.79 -17.27 12.12
N ILE B 311 1.69 -18.01 11.99
CA ILE B 311 1.18 -18.31 10.64
C ILE B 311 0.74 -17.04 9.95
N TYR B 312 0.12 -16.11 10.70
CA TYR B 312 -0.28 -14.85 10.09
C TYR B 312 0.93 -14.09 9.55
N ALA B 313 2.01 -14.04 10.32
CA ALA B 313 3.22 -13.39 9.85
C ALA B 313 3.79 -14.09 8.62
N PHE B 314 3.78 -15.42 8.62
CA PHE B 314 4.30 -16.15 7.48
C PHE B 314 3.52 -15.83 6.21
N HIS B 315 2.20 -15.68 6.33
CA HIS B 315 1.39 -15.44 5.14
C HIS B 315 1.80 -14.14 4.45
N GLU B 316 1.86 -13.05 5.20
CA GLU B 316 2.24 -11.78 4.58
C GLU B 316 3.69 -11.79 4.14
N LEU B 317 4.56 -12.49 4.86
CA LEU B 317 5.95 -12.58 4.43
C LEU B 317 6.06 -13.28 3.09
N ASN B 318 5.31 -14.38 2.93
CA ASN B 318 5.30 -15.10 1.67
C ASN B 318 4.77 -14.24 0.53
N THR B 319 3.67 -13.51 0.78
CA THR B 319 3.12 -12.64 -0.25
C THR B 319 4.14 -11.59 -0.69
N LEU B 320 4.71 -10.88 0.28
CA LEU B 320 5.56 -9.74 -0.03
C LEU B 320 6.91 -10.19 -0.59
N GLU B 321 7.31 -11.44 -0.32
CA GLU B 321 8.52 -11.96 -0.96
C GLU B 321 8.25 -12.52 -2.35
N THR B 322 7.07 -13.10 -2.57
CA THR B 322 6.79 -13.67 -3.89
C THR B 322 6.53 -12.59 -4.92
N HIS B 323 5.78 -11.54 -4.55
CA HIS B 323 5.39 -10.57 -5.56
C HIS B 323 6.41 -9.46 -5.78
N PHE B 324 7.36 -9.27 -4.86
CA PHE B 324 8.42 -8.28 -5.01
C PHE B 324 9.75 -8.94 -4.70
N PRO B 325 10.23 -9.82 -5.57
CA PRO B 325 11.35 -10.70 -5.22
C PRO B 325 12.61 -9.91 -4.86
N GLY B 326 13.39 -10.48 -3.94
CA GLY B 326 14.61 -9.84 -3.49
C GLY B 326 14.42 -8.78 -2.43
N ILE B 327 13.36 -8.88 -1.65
CA ILE B 327 13.05 -7.86 -0.65
C ILE B 327 13.39 -8.38 0.75
N THR B 328 13.28 -9.69 0.95
CA THR B 328 13.58 -10.29 2.24
C THR B 328 14.83 -11.17 2.21
N SER B 329 15.55 -11.20 1.09
CA SER B 329 16.68 -12.10 0.92
C SER B 329 17.92 -11.47 1.55
N SER B 330 18.30 -11.98 2.71
CA SER B 330 19.54 -11.58 3.37
C SER B 330 20.57 -12.70 3.20
N PHE B 331 21.75 -12.34 2.71
CA PHE B 331 22.74 -13.37 2.37
C PHE B 331 23.22 -14.14 3.60
N THR B 332 23.43 -13.44 4.72
CA THR B 332 24.04 -14.08 5.88
C THR B 332 23.01 -14.78 6.74
N ASP B 333 22.00 -14.04 7.21
CA ASP B 333 21.05 -14.58 8.18
C ASP B 333 20.23 -15.72 7.58
N ASP B 334 19.80 -15.59 6.33
CA ASP B 334 19.00 -16.63 5.71
C ASP B 334 19.79 -17.92 5.55
N LEU B 335 21.05 -17.82 5.14
CA LEU B 335 21.90 -19.01 5.05
C LEU B 335 22.12 -19.62 6.42
N LYS B 336 22.32 -18.77 7.45
CA LYS B 336 22.56 -19.28 8.78
C LYS B 336 21.34 -20.03 9.33
N SER B 337 20.14 -19.50 9.10
CA SER B 337 18.93 -20.04 9.69
C SER B 337 18.10 -20.88 8.74
N ASN B 338 18.63 -21.21 7.56
CA ASN B 338 17.95 -22.07 6.59
C ASN B 338 16.57 -21.50 6.25
N TYR B 339 16.56 -20.22 5.87
CA TYR B 339 15.31 -19.49 5.64
C TYR B 339 14.52 -20.07 4.47
N ARG B 340 15.18 -20.22 3.32
CA ARG B 340 14.48 -20.60 2.10
C ARG B 340 13.88 -21.99 2.22
N LYS B 341 14.63 -22.92 2.81
CA LYS B 341 14.11 -24.28 2.96
C LYS B 341 12.89 -24.32 3.87
N LYS B 342 12.91 -23.54 4.94
CA LYS B 342 11.75 -23.48 5.82
C LYS B 342 10.55 -22.88 5.11
N MET B 343 10.75 -21.82 4.32
CA MET B 343 9.65 -21.26 3.56
C MET B 343 9.08 -22.28 2.58
N GLU B 344 9.94 -23.01 1.89
CA GLU B 344 9.44 -24.03 0.96
C GLU B 344 8.68 -25.12 1.70
N SER B 345 9.18 -25.53 2.87
CA SER B 345 8.48 -26.54 3.65
C SER B 345 7.09 -26.07 4.03
N VAL B 346 6.97 -24.83 4.50
CA VAL B 346 5.66 -24.33 4.92
C VAL B 346 4.74 -24.19 3.72
N SER B 347 5.26 -23.75 2.58
CA SER B 347 4.42 -23.61 1.39
C SER B 347 3.90 -24.97 0.92
N LEU B 348 4.76 -25.99 0.89
CA LEU B 348 4.29 -27.34 0.57
C LEU B 348 3.28 -27.83 1.60
N THR B 349 3.50 -27.49 2.87
CA THR B 349 2.53 -27.87 3.89
C THR B 349 1.17 -27.25 3.62
N CYS B 350 1.15 -25.98 3.23
CA CYS B 350 -0.12 -25.31 2.91
C CYS B 350 -0.79 -25.93 1.70
N GLN B 351 -0.03 -26.22 0.64
CA GLN B 351 -0.61 -26.89 -0.52
C GLN B 351 -1.23 -28.22 -0.13
N VAL B 352 -0.49 -29.04 0.61
CA VAL B 352 -0.99 -30.36 0.95
C VAL B 352 -2.20 -30.26 1.88
N LEU B 353 -2.19 -29.28 2.78
CA LEU B 353 -3.36 -29.09 3.64
C LEU B 353 -4.60 -28.73 2.83
N GLN B 354 -4.45 -27.85 1.84
CA GLN B 354 -5.56 -27.61 0.93
C GLN B 354 -5.99 -28.89 0.23
N GLU B 355 -5.03 -29.77 -0.08
CA GLU B 355 -5.36 -31.03 -0.73
C GLU B 355 -6.24 -31.91 0.16
N ILE B 356 -5.83 -32.11 1.41
CA ILE B 356 -6.67 -32.88 2.33
C ILE B 356 -8.00 -32.18 2.56
N GLY B 357 -8.02 -30.85 2.59
CA GLY B 357 -9.30 -30.16 2.72
C GLY B 357 -10.24 -30.50 1.60
N ASN B 358 -9.75 -30.46 0.36
CA ASN B 358 -10.58 -30.80 -0.79
C ASN B 358 -10.99 -32.26 -0.74
N ILE B 359 -10.08 -33.15 -0.34
CA ILE B 359 -10.40 -34.57 -0.27
C ILE B 359 -11.51 -34.82 0.74
N HIS B 360 -11.42 -34.16 1.91
CA HIS B 360 -12.45 -34.32 2.94
C HIS B 360 -13.78 -33.77 2.47
N ARG B 361 -13.77 -32.61 1.79
CA ARG B 361 -15.01 -32.09 1.26
C ARG B 361 -15.63 -33.06 0.26
N PHE B 362 -14.81 -33.64 -0.61
CA PHE B 362 -15.33 -34.59 -1.59
C PHE B 362 -15.89 -35.84 -0.91
N ILE B 363 -15.19 -36.37 0.09
CA ILE B 363 -15.63 -37.62 0.72
C ILE B 363 -16.88 -37.38 1.55
N GLU B 364 -16.99 -36.21 2.19
CA GLU B 364 -18.18 -35.90 2.95
C GLU B 364 -19.37 -35.60 2.05
N SER B 365 -19.11 -35.03 0.88
CA SER B 365 -20.19 -34.80 -0.08
C SER B 365 -20.76 -36.12 -0.60
N LYS B 366 -19.96 -37.19 -0.55
CA LYS B 366 -20.41 -38.49 -1.03
C LYS B 366 -20.81 -39.38 0.15
N THR B 373 -25.31 -29.28 0.25
CA THR B 373 -24.07 -29.13 -0.48
C THR B 373 -23.09 -28.26 0.31
N GLU B 374 -21.82 -28.68 0.35
CA GLU B 374 -20.82 -28.00 1.15
C GLU B 374 -19.69 -27.37 0.33
N TYR B 375 -19.61 -27.65 -0.97
CA TYR B 375 -18.68 -26.90 -1.81
C TYR B 375 -18.99 -25.42 -1.83
N GLY B 376 -20.24 -25.04 -1.60
CA GLY B 376 -20.61 -23.65 -1.57
C GLY B 376 -21.92 -23.36 -2.28
N LEU B 377 -22.53 -22.23 -1.94
CA LEU B 377 -23.80 -21.86 -2.55
C LEU B 377 -23.57 -21.45 -4.00
N PHE B 378 -24.41 -21.98 -4.90
CA PHE B 378 -24.32 -21.76 -6.34
C PHE B 378 -23.01 -22.29 -6.92
N SER B 379 -22.26 -23.08 -6.16
CA SER B 379 -20.98 -23.58 -6.65
C SER B 379 -21.18 -24.69 -7.67
N ILE B 380 -21.82 -25.78 -7.26
CA ILE B 380 -22.07 -26.94 -8.12
C ILE B 380 -23.57 -27.09 -8.28
N PRO B 381 -24.09 -27.22 -9.50
CA PRO B 381 -25.54 -27.29 -9.70
C PRO B 381 -26.09 -28.65 -9.28
N LYS B 382 -27.42 -28.69 -9.13
CA LYS B 382 -28.08 -29.88 -8.60
C LYS B 382 -27.93 -31.07 -9.54
N ILE B 383 -28.04 -30.86 -10.85
CA ILE B 383 -27.98 -31.97 -11.79
C ILE B 383 -26.59 -32.60 -11.80
N PHE B 384 -25.54 -31.77 -11.81
CA PHE B 384 -24.18 -32.25 -11.86
C PHE B 384 -23.56 -32.48 -10.49
N SER B 385 -24.37 -32.74 -9.46
CA SER B 385 -23.84 -32.91 -8.12
C SER B 385 -23.11 -34.25 -8.00
N ILE B 386 -22.60 -34.51 -6.80
CA ILE B 386 -21.86 -35.73 -6.49
C ILE B 386 -22.77 -36.63 -5.68
N PRO B 387 -23.14 -37.81 -6.18
CA PRO B 387 -24.05 -38.69 -5.43
C PRO B 387 -23.36 -39.29 -4.21
N ILE B 388 -24.19 -39.72 -3.26
CA ILE B 388 -23.68 -40.25 -1.99
C ILE B 388 -23.14 -41.67 -2.13
N ASP B 389 -23.51 -42.37 -3.21
CA ASP B 389 -23.18 -43.79 -3.32
C ASP B 389 -21.67 -44.01 -3.43
N TYR B 390 -21.20 -45.08 -2.79
CA TYR B 390 -19.81 -45.49 -2.91
C TYR B 390 -19.55 -46.08 -4.29
N LYS B 391 -18.30 -46.03 -4.72
CA LYS B 391 -17.90 -46.50 -6.04
C LYS B 391 -16.76 -47.51 -5.92
N HIS B 392 -16.64 -48.36 -6.94
CA HIS B 392 -15.64 -49.42 -6.92
C HIS B 392 -14.23 -48.87 -6.82
N GLY B 393 -13.93 -47.81 -7.59
CA GLY B 393 -12.57 -47.30 -7.63
C GLY B 393 -12.17 -46.48 -6.42
N GLU B 394 -13.14 -46.03 -5.62
CA GLU B 394 -12.82 -45.14 -4.50
C GLU B 394 -11.89 -45.82 -3.50
N LYS B 395 -12.19 -47.07 -3.15
CA LYS B 395 -11.38 -47.78 -2.17
C LYS B 395 -9.94 -47.95 -2.64
N GLU B 396 -9.76 -48.24 -3.92
CA GLU B 396 -8.44 -48.50 -4.47
C GLU B 396 -7.72 -47.25 -4.97
N ASN B 397 -8.36 -46.07 -4.91
CA ASN B 397 -7.75 -44.89 -5.47
C ASN B 397 -7.77 -43.67 -4.55
N LEU B 398 -8.37 -43.76 -3.37
CA LEU B 398 -8.32 -42.66 -2.41
C LEU B 398 -7.27 -42.88 -1.32
N VAL B 399 -7.24 -44.07 -0.72
CA VAL B 399 -6.21 -44.35 0.29
C VAL B 399 -4.82 -44.24 -0.33
N SER B 400 -4.64 -44.82 -1.52
CA SER B 400 -3.34 -44.75 -2.18
C SER B 400 -2.99 -43.31 -2.56
N TYR B 401 -3.98 -42.55 -3.01
CA TYR B 401 -3.73 -41.15 -3.36
C TYR B 401 -3.28 -40.35 -2.16
N VAL B 402 -3.95 -40.54 -1.02
CA VAL B 402 -3.56 -39.82 0.20
C VAL B 402 -2.18 -40.26 0.65
N ASP B 403 -1.90 -41.56 0.58
CA ASP B 403 -0.59 -42.06 0.99
C ASP B 403 0.52 -41.50 0.12
N PHE B 404 0.31 -41.45 -1.20
CA PHE B 404 1.33 -40.88 -2.07
C PHE B 404 1.49 -39.39 -1.85
N LEU B 405 0.40 -38.68 -1.57
CA LEU B 405 0.52 -37.27 -1.22
C LEU B 405 1.37 -37.09 0.03
N TYR B 406 1.14 -37.90 1.05
CA TYR B 406 1.93 -37.81 2.27
C TYR B 406 3.39 -38.15 2.00
N SER B 407 3.64 -39.16 1.17
CA SER B 407 5.02 -39.55 0.86
C SER B 407 5.74 -38.43 0.11
N THR B 408 5.08 -37.82 -0.87
CA THR B 408 5.68 -36.73 -1.62
C THR B 408 5.96 -35.54 -0.71
N ALA B 409 5.03 -35.23 0.19
CA ALA B 409 5.25 -34.13 1.12
C ALA B 409 6.41 -34.43 2.07
N HIS B 410 6.49 -35.65 2.57
CA HIS B 410 7.47 -36.00 3.59
C HIS B 410 8.90 -36.08 3.08
N GLU B 411 9.09 -36.16 1.77
CA GLU B 411 10.43 -36.35 1.22
C GLU B 411 11.19 -35.04 1.00
N ARG B 412 10.50 -33.91 0.85
CA ARG B 412 11.16 -32.63 0.60
C ARG B 412 10.75 -31.57 1.61
N ILE B 413 10.46 -31.99 2.85
CA ILE B 413 10.16 -31.07 3.95
C ILE B 413 11.11 -31.40 5.10
N LEU B 414 11.82 -30.39 5.59
CA LEU B 414 12.77 -30.62 6.66
C LEU B 414 12.05 -30.83 7.98
N GLN B 415 12.82 -31.22 9.00
CA GLN B 415 12.30 -31.44 10.34
C GLN B 415 13.14 -30.65 11.34
N ASP B 416 12.46 -30.01 12.29
CA ASP B 416 13.12 -29.23 13.31
C ASP B 416 12.16 -29.05 14.48
N ASN B 417 12.72 -28.65 15.62
CA ASN B 417 11.89 -28.40 16.80
C ASN B 417 10.91 -27.26 16.56
N SER B 418 11.30 -26.28 15.74
CA SER B 418 10.46 -25.13 15.45
C SER B 418 9.70 -25.25 14.14
N ILE B 419 9.82 -26.38 13.42
CA ILE B 419 9.18 -26.52 12.12
C ILE B 419 8.18 -27.67 12.16
N ASN B 420 8.43 -28.66 13.02
CA ASN B 420 7.53 -29.81 13.09
C ASN B 420 6.10 -29.37 13.44
N GLN B 421 5.95 -28.31 14.22
CA GLN B 421 4.62 -27.80 14.55
C GLN B 421 3.94 -27.14 13.36
N LEU B 422 4.71 -26.72 12.36
CA LEU B 422 4.17 -26.04 11.19
C LEU B 422 4.04 -26.96 9.98
N CYS B 423 4.87 -27.99 9.89
CA CYS B 423 4.87 -28.89 8.74
C CYS B 423 4.48 -30.31 9.11
N LEU B 424 5.16 -30.91 10.08
CA LEU B 424 4.89 -32.31 10.41
C LEU B 424 3.60 -32.47 11.20
N ASP B 425 3.41 -31.65 12.23
CA ASP B 425 2.26 -31.85 13.11
C ASP B 425 0.93 -31.65 12.39
N PRO B 426 0.69 -30.58 11.63
CA PRO B 426 -0.57 -30.48 10.89
C PRO B 426 -0.77 -31.61 9.91
N LEU B 427 0.31 -32.09 9.27
CA LEU B 427 0.17 -33.21 8.35
C LEU B 427 -0.27 -34.48 9.06
N GLN B 428 0.33 -34.78 10.22
CA GLN B 428 -0.08 -35.98 10.95
C GLN B 428 -1.51 -35.83 11.47
N GLU B 429 -1.88 -34.63 11.93
CA GLU B 429 -3.24 -34.43 12.39
C GLU B 429 -4.24 -34.62 11.26
N SER B 430 -3.95 -34.08 10.08
CA SER B 430 -4.84 -34.26 8.94
C SER B 430 -4.91 -35.72 8.53
N LEU B 431 -3.78 -36.43 8.55
CA LEU B 431 -3.78 -37.85 8.21
C LEU B 431 -4.64 -38.64 9.18
N ASN B 432 -4.50 -38.36 10.48
CA ASN B 432 -5.32 -39.06 11.48
C ASN B 432 -6.79 -38.76 11.28
N ARG B 433 -7.13 -37.49 10.99
CA ARG B 433 -8.53 -37.13 10.80
C ARG B 433 -9.11 -37.79 9.55
N ILE B 434 -8.30 -37.91 8.50
CA ILE B 434 -8.83 -38.37 7.21
C ILE B 434 -8.77 -39.89 7.04
N LYS B 435 -7.94 -40.59 7.83
CA LYS B 435 -7.90 -42.04 7.71
C LYS B 435 -8.98 -42.73 8.52
N SER B 436 -9.67 -42.01 9.40
CA SER B 436 -10.68 -42.60 10.27
C SER B 436 -12.09 -42.33 9.81
N ASN B 437 -12.27 -41.76 8.61
CA ASN B 437 -13.61 -41.48 8.13
C ASN B 437 -13.85 -41.81 6.66
N ILE B 438 -12.85 -42.33 5.94
CA ILE B 438 -13.07 -42.70 4.53
C ILE B 438 -14.14 -43.77 4.37
N PRO B 439 -14.12 -44.88 5.12
CA PRO B 439 -15.22 -45.85 4.97
C PRO B 439 -16.58 -45.27 5.34
N VAL B 440 -16.63 -44.36 6.31
CA VAL B 440 -17.88 -43.74 6.71
C VAL B 440 -18.01 -42.35 6.10
#